data_4FQX
#
_entry.id   4FQX
#
_cell.length_a   66.190
_cell.length_b   121.649
_cell.length_c   138.416
_cell.angle_alpha   90.00
_cell.angle_beta   90.00
_cell.angle_gamma   90.00
#
_symmetry.space_group_name_H-M   'P 21 21 21'
#
loop_
_entity.id
_entity.type
_entity.pdbx_description
1 polymer 'HLA class II histocompatibility antigen, DM alpha chain'
2 polymer 'HLA class II histocompatibility antigen, DM beta chain'
3 polymer 'Synthetic peptide'
4 polymer 'HLA class II histocompatibility antigen, DR alpha chain'
5 polymer 'HLA class II histocompatibility antigen, DRB1-1 beta chain'
6 branched 2-acetamido-2-deoxy-beta-D-glucopyranose-(1-4)-2-acetamido-2-deoxy-beta-D-glucopyranose
7 water water
#
loop_
_entity_poly.entity_id
_entity_poly.type
_entity_poly.pdbx_seq_one_letter_code
_entity_poly.pdbx_strand_id
1 'polypeptide(L)'
;VPEAPTPMWPDDLQNHTFLHTVYCQDGSPSVGLSEAYDEDQLFFFDFSQNTRVPRLPEFADWAQEQGDAPAILFDKEFCE
WMIQQIGPKLDGKIPVSRGFPIAEVFTLKPLEFGKPNTLVCFVSNLFPPMLTVNWQHHSVPVEGFGPTFVSAVDGLSFQA
FSYLDFTPEPSDIFSCIVTHEIDRYTAIAYWVPRNALPSLVPR
;
C
2 'polypeptide(L)'
;GGFVAHVESTCLLDDAGTPKDFTYCISFNKDLLTCWDPEENKMAPSEFGVLNSLANVLSQHLNQKDTLMQRLRNGLQNCA
THTQPFWGSLTDRTRPPSVQVAKTTPFNTREPVMLACYVWGFYPAEVTITWRKNGKLVMPHSSAHKTAQPNGDWTYQTLS
HLALTPSYGDTYTCVVEHIGAPEPILRDWTPGLGCLVPR
;
D
3 'polypeptide(L)' GKQNCLKLATK E
4 'polypeptide(L)'
;IKEEHVIIQAEFYLNPDQSGEFMFDFDGDEIFHVDMAKKETVWRLEEFGRFASFEAQGALANIACDKANLEIMTKRSNYT
PITNVPPEVTVLTNSPVELREPNVLICFIDKFTPPVVNVTWLRNGKPVTTGVSETVFLPREDHLFRKFHYLPFLPSTEDV
YDCRVEHWGLDEPLLKHWEFDAPSPLPETTE
;
A
5 'polypeptide(L)'
;VLFQGPGDTRPRFLWQLKFECHFFNGTERVRLLERSIYNQEESVRFDSDVGEYRAVTELGRPDAEYWNSQKDLLEQRRAA
VDTYCRHNYGVGESFTVQRRVEPKVTVYPSKTQPLQHHNLLVCSVSGFYPGSIEVRWFRNGQEEKAGVVSTGLIQNGDWT
FQTLVMLETVPRSGEVYTCQVEHPSVTSPLTVEWRARSSGGGSLPATG
;
B
#
# COMPACT_ATOMS: atom_id res chain seq x y z
N ASN A 15 10.38 26.39 -0.55
CA ASN A 15 9.52 26.28 -1.72
C ASN A 15 8.28 25.42 -1.51
N HIS A 16 7.13 25.95 -1.92
CA HIS A 16 5.84 25.31 -1.71
C HIS A 16 5.18 24.81 -3.02
N THR A 17 4.09 24.06 -2.92
CA THR A 17 3.37 23.58 -4.10
C THR A 17 1.91 23.99 -4.06
N PHE A 18 1.34 24.29 -5.22
CA PHE A 18 -0.08 24.57 -5.32
C PHE A 18 -0.72 23.63 -6.34
N LEU A 19 -1.42 22.62 -5.85
CA LEU A 19 -2.03 21.62 -6.71
C LEU A 19 -3.38 22.10 -7.20
N HIS A 20 -3.55 22.21 -8.52
CA HIS A 20 -4.85 22.47 -9.11
C HIS A 20 -5.23 21.24 -9.93
N THR A 21 -6.16 20.45 -9.41
CA THR A 21 -6.45 19.15 -10.02
C THR A 21 -7.89 19.00 -10.48
N VAL A 22 -8.10 19.11 -11.80
CA VAL A 22 -9.38 18.81 -12.39
C VAL A 22 -9.41 17.32 -12.77
N TYR A 23 -10.51 16.65 -12.46
CA TYR A 23 -10.61 15.24 -12.72
C TYR A 23 -12.06 14.88 -13.01
N CYS A 24 -12.25 13.79 -13.74
CA CYS A 24 -13.59 13.28 -14.04
C CYS A 24 -13.57 11.77 -14.16
N GLN A 25 -14.74 11.17 -14.07
CA GLN A 25 -14.82 9.73 -14.01
C GLN A 25 -16.18 9.23 -14.49
N ASP A 26 -16.28 7.93 -14.66
CA ASP A 26 -17.58 7.33 -14.93
C ASP A 26 -18.17 7.07 -13.57
N GLY A 27 -19.47 7.29 -13.41
CA GLY A 27 -20.09 7.22 -12.10
C GLY A 27 -19.94 8.51 -11.30
N SER A 28 -20.70 8.61 -10.22
CA SER A 28 -20.77 9.83 -9.41
C SER A 28 -19.78 9.84 -8.25
N PRO A 29 -19.15 11.01 -7.99
CA PRO A 29 -19.27 12.32 -8.66
C PRO A 29 -18.58 12.33 -10.03
N SER A 30 -19.32 12.74 -11.06
CA SER A 30 -18.84 12.64 -12.43
C SER A 30 -17.63 13.51 -12.71
N VAL A 31 -17.49 14.64 -12.02
CA VAL A 31 -16.40 15.57 -12.27
C VAL A 31 -16.13 16.52 -11.09
N GLY A 32 -14.86 16.76 -10.80
CA GLY A 32 -14.51 17.64 -9.71
C GLY A 32 -13.17 18.31 -9.85
N LEU A 33 -12.92 19.27 -8.97
CA LEU A 33 -11.64 19.98 -8.97
C LEU A 33 -11.23 20.21 -7.53
N SER A 34 -9.98 19.86 -7.21
CA SER A 34 -9.48 20.02 -5.85
C SER A 34 -8.21 20.87 -5.85
N GLU A 35 -8.22 21.91 -5.03
CA GLU A 35 -7.09 22.81 -4.88
C GLU A 35 -6.49 22.63 -3.52
N ALA A 36 -5.17 22.45 -3.48
CA ALA A 36 -4.49 22.18 -2.24
C ALA A 36 -3.18 22.96 -2.13
N TYR A 37 -2.91 23.43 -0.93
CA TYR A 37 -1.64 24.09 -0.61
C TYR A 37 -0.83 23.20 0.31
N ASP A 38 0.43 22.94 -0.05
CA ASP A 38 1.29 22.05 0.72
C ASP A 38 0.61 20.79 1.23
N GLU A 39 -0.29 20.25 0.39
CA GLU A 39 -1.01 19.00 0.62
C GLU A 39 -2.17 19.08 1.61
N ASP A 40 -2.65 20.30 1.87
CA ASP A 40 -3.91 20.50 2.60
C ASP A 40 -4.96 21.14 1.68
N GLN A 41 -6.20 20.66 1.73
CA GLN A 41 -7.24 21.18 0.85
C GLN A 41 -7.66 22.61 1.20
N LEU A 42 -7.66 23.48 0.18
CA LEU A 42 -8.09 24.86 0.31
C LEU A 42 -9.53 24.99 -0.15
N PHE A 43 -9.79 24.49 -1.36
CA PHE A 43 -11.12 24.55 -1.92
C PHE A 43 -11.45 23.27 -2.67
N PHE A 44 -12.69 22.81 -2.54
CA PHE A 44 -13.23 21.82 -3.46
C PHE A 44 -14.39 22.46 -4.21
N PHE A 45 -14.27 22.48 -5.53
CA PHE A 45 -15.17 23.22 -6.40
C PHE A 45 -16.56 22.60 -6.47
N ASP A 46 -17.60 23.43 -6.49
CA ASP A 46 -18.97 22.92 -6.62
C ASP A 46 -19.58 23.34 -7.96
N PHE A 47 -19.43 22.48 -8.96
CA PHE A 47 -19.89 22.77 -10.32
C PHE A 47 -21.41 22.94 -10.41
N SER A 48 -22.13 22.57 -9.35
CA SER A 48 -23.58 22.76 -9.29
C SER A 48 -23.94 24.25 -9.36
N GLN A 49 -23.20 25.04 -8.60
CA GLN A 49 -23.46 26.47 -8.53
C GLN A 49 -22.21 27.24 -8.94
N ASN A 50 -21.37 26.60 -9.75
CA ASN A 50 -20.03 27.11 -10.07
C ASN A 50 -19.36 27.74 -8.84
N THR A 51 -19.62 27.12 -7.68
CA THR A 51 -19.19 27.62 -6.39
C THR A 51 -17.91 26.96 -5.96
N ARG A 52 -16.93 27.79 -5.58
CA ARG A 52 -15.71 27.31 -4.99
C ARG A 52 -15.87 27.34 -3.46
N VAL A 53 -16.06 26.17 -2.86
CA VAL A 53 -16.31 26.04 -1.42
C VAL A 53 -14.99 25.97 -0.67
N PRO A 54 -14.89 26.63 0.51
CA PRO A 54 -13.66 26.48 1.29
C PRO A 54 -13.66 25.26 2.22
N ARG A 55 -12.47 24.88 2.65
CA ARG A 55 -12.27 23.68 3.45
C ARG A 55 -12.42 24.02 4.93
N LEU A 56 -11.94 25.21 5.28
CA LEU A 56 -12.13 25.78 6.61
C LEU A 56 -12.89 27.11 6.45
N PRO A 57 -13.57 27.57 7.52
CA PRO A 57 -14.29 28.86 7.54
C PRO A 57 -13.38 30.04 7.23
N GLU A 58 -12.19 30.02 7.81
CA GLU A 58 -11.18 31.05 7.60
C GLU A 58 -10.89 31.34 6.12
N PHE A 59 -11.24 30.38 5.26
CA PHE A 59 -10.93 30.45 3.84
C PHE A 59 -12.08 30.98 2.97
N ALA A 60 -13.20 31.32 3.61
CA ALA A 60 -14.46 31.58 2.91
C ALA A 60 -14.44 32.72 1.89
N ASP A 61 -13.50 33.66 2.03
CA ASP A 61 -13.57 34.91 1.31
C ASP A 61 -13.00 34.89 -0.11
N TRP A 62 -12.03 34.03 -0.36
CA TRP A 62 -11.43 33.94 -1.68
C TRP A 62 -12.19 32.92 -2.51
N ALA A 63 -13.39 32.60 -2.05
CA ALA A 63 -14.25 31.62 -2.69
C ALA A 63 -14.76 32.04 -4.07
N GLN A 64 -14.72 33.34 -4.36
CA GLN A 64 -15.32 33.84 -5.61
C GLN A 64 -14.36 34.52 -6.60
N GLU A 65 -13.08 34.19 -6.56
CA GLU A 65 -12.16 34.74 -7.56
C GLU A 65 -12.38 34.06 -8.89
N GLN A 66 -12.95 34.80 -9.82
CA GLN A 66 -13.29 34.26 -11.12
C GLN A 66 -12.25 34.60 -12.18
N GLY A 67 -11.02 34.85 -11.76
CA GLY A 67 -9.93 34.92 -12.70
C GLY A 67 -9.72 33.51 -13.25
N ASP A 68 -10.22 32.54 -12.48
CA ASP A 68 -10.04 31.12 -12.75
C ASP A 68 -11.02 30.57 -13.78
N ALA A 69 -12.24 31.11 -13.78
CA ALA A 69 -13.37 30.58 -14.56
C ALA A 69 -13.12 30.06 -16.00
N PRO A 70 -12.39 30.83 -16.83
CA PRO A 70 -12.20 30.33 -18.21
C PRO A 70 -11.31 29.08 -18.27
N ALA A 71 -10.21 29.11 -17.53
CA ALA A 71 -9.32 27.97 -17.43
C ALA A 71 -10.04 26.75 -16.85
N ILE A 72 -10.83 26.98 -15.79
CA ILE A 72 -11.62 25.95 -15.15
C ILE A 72 -12.66 25.37 -16.11
N LEU A 73 -13.38 26.24 -16.81
CA LEU A 73 -14.37 25.76 -17.77
C LEU A 73 -13.74 24.92 -18.89
N PHE A 74 -12.56 25.32 -19.36
CA PHE A 74 -11.85 24.58 -20.40
C PHE A 74 -11.42 23.20 -19.90
N ASP A 75 -10.68 23.20 -18.78
CA ASP A 75 -10.20 21.97 -18.15
C ASP A 75 -11.34 21.03 -17.83
N LYS A 76 -12.34 21.52 -17.11
CA LYS A 76 -13.55 20.75 -16.83
C LYS A 76 -14.15 20.09 -18.09
N GLU A 77 -14.28 20.84 -19.19
CA GLU A 77 -14.88 20.27 -20.39
C GLU A 77 -13.96 19.29 -21.14
N PHE A 78 -12.66 19.61 -21.18
CA PHE A 78 -11.72 18.76 -21.91
C PHE A 78 -11.57 17.42 -21.22
N CYS A 79 -11.63 17.46 -19.89
CA CYS A 79 -11.60 16.24 -19.09
C CYS A 79 -12.84 15.39 -19.36
N GLU A 80 -14.01 16.00 -19.32
CA GLU A 80 -15.26 15.29 -19.61
C GLU A 80 -15.31 14.78 -21.04
N TRP A 81 -14.61 15.47 -21.94
CA TRP A 81 -14.45 14.97 -23.30
C TRP A 81 -13.74 13.63 -23.23
N MET A 82 -12.64 13.60 -22.48
CA MET A 82 -11.81 12.40 -22.35
C MET A 82 -12.60 11.19 -21.86
N ILE A 83 -13.28 11.32 -20.72
CA ILE A 83 -14.15 10.24 -20.23
C ILE A 83 -15.16 9.79 -21.31
N GLN A 84 -15.84 10.76 -21.92
CA GLN A 84 -16.93 10.50 -22.88
C GLN A 84 -16.51 9.95 -24.25
N GLN A 85 -15.39 10.46 -24.78
CA GLN A 85 -14.91 10.13 -26.13
C GLN A 85 -13.78 9.11 -26.18
N ILE A 86 -12.93 9.07 -25.16
CA ILE A 86 -11.84 8.09 -25.10
C ILE A 86 -12.31 6.77 -24.47
N GLY A 87 -13.12 6.88 -23.42
CA GLY A 87 -13.76 5.74 -22.79
C GLY A 87 -14.19 4.62 -23.73
N PRO A 88 -15.13 4.91 -24.66
CA PRO A 88 -15.69 3.89 -25.58
C PRO A 88 -14.61 3.16 -26.34
N LYS A 89 -13.55 3.87 -26.71
CA LYS A 89 -12.46 3.24 -27.44
C LYS A 89 -11.71 2.22 -26.59
N LEU A 90 -11.34 2.61 -25.37
CA LEU A 90 -10.42 1.81 -24.56
C LEU A 90 -11.11 0.82 -23.61
N ASP A 91 -12.41 1.00 -23.41
CA ASP A 91 -13.22 0.11 -22.58
C ASP A 91 -13.02 -1.37 -22.95
N GLY A 92 -12.52 -2.16 -22.01
CA GLY A 92 -12.20 -3.56 -22.29
C GLY A 92 -10.91 -3.79 -23.08
N LYS A 93 -10.25 -2.72 -23.51
CA LYS A 93 -9.02 -2.85 -24.30
C LYS A 93 -7.79 -2.64 -23.43
N ILE A 94 -7.96 -1.90 -22.33
CA ILE A 94 -6.92 -1.71 -21.31
C ILE A 94 -7.54 -1.94 -19.92
N PRO A 95 -6.73 -2.37 -18.94
CA PRO A 95 -7.39 -2.62 -17.65
C PRO A 95 -7.64 -1.31 -16.92
N VAL A 96 -8.71 -1.25 -16.15
CA VAL A 96 -9.03 -0.05 -15.38
C VAL A 96 -8.22 0.08 -14.09
N SER A 97 -7.54 1.21 -13.93
CA SER A 97 -6.71 1.49 -12.75
C SER A 97 -7.55 1.60 -11.49
N ARG A 98 -7.13 0.96 -10.40
CA ARG A 98 -7.97 0.79 -9.21
C ARG A 98 -7.17 0.35 -7.99
N GLY A 99 -7.40 1.02 -6.87
CA GLY A 99 -6.69 0.73 -5.63
C GLY A 99 -7.74 0.38 -4.61
N PHE A 100 -7.38 -0.48 -3.66
CA PHE A 100 -8.24 -0.74 -2.50
C PHE A 100 -7.88 0.24 -1.40
N PRO A 101 -8.86 1.04 -0.97
CA PRO A 101 -8.67 2.11 0.01
C PRO A 101 -8.37 1.53 1.39
N ILE A 102 -7.72 2.35 2.20
CA ILE A 102 -7.26 1.95 3.52
C ILE A 102 -7.68 3.01 4.52
N ALA A 103 -8.30 2.57 5.61
CA ALA A 103 -8.72 3.49 6.66
C ALA A 103 -7.78 3.39 7.87
N GLU A 104 -7.52 4.52 8.51
CA GLU A 104 -6.85 4.54 9.80
C GLU A 104 -7.71 5.40 10.71
N VAL A 105 -7.73 5.08 11.99
CA VAL A 105 -8.53 5.84 12.94
C VAL A 105 -7.70 6.21 14.15
N PHE A 106 -7.67 7.50 14.46
CA PHE A 106 -6.88 8.00 15.58
C PHE A 106 -7.54 9.25 16.14
N THR A 107 -7.28 9.54 17.43
CA THR A 107 -7.80 10.80 18.03
C THR A 107 -7.06 12.06 17.61
N LEU A 108 -7.81 13.16 17.55
CA LEU A 108 -7.26 14.50 17.31
C LEU A 108 -6.34 14.92 18.45
N LYS A 109 -6.83 14.83 19.69
CA LYS A 109 -6.08 15.24 20.87
C LYS A 109 -5.58 13.98 21.56
N PRO A 110 -4.56 14.10 22.42
CA PRO A 110 -4.20 12.90 23.16
C PRO A 110 -5.38 12.37 23.98
N LEU A 111 -5.37 11.06 24.20
CA LEU A 111 -6.48 10.40 24.82
C LEU A 111 -6.53 10.77 26.30
N GLU A 112 -7.64 11.38 26.69
CA GLU A 112 -7.85 11.71 28.10
C GLU A 112 -9.30 11.42 28.42
N PHE A 113 -9.54 10.39 29.23
CA PHE A 113 -10.92 9.99 29.56
C PHE A 113 -11.72 11.18 30.10
N GLY A 114 -12.94 11.36 29.58
CA GLY A 114 -13.83 12.41 30.05
C GLY A 114 -13.71 13.75 29.33
N LYS A 115 -12.56 14.03 28.74
CA LYS A 115 -12.37 15.27 27.98
C LYS A 115 -12.88 15.11 26.55
N PRO A 116 -13.34 16.21 25.94
CA PRO A 116 -13.82 16.17 24.55
C PRO A 116 -12.71 15.75 23.58
N ASN A 117 -13.06 14.92 22.60
CA ASN A 117 -12.11 14.51 21.58
C ASN A 117 -12.77 14.29 20.21
N THR A 118 -11.98 13.92 19.21
CA THR A 118 -12.50 13.66 17.88
C THR A 118 -11.77 12.52 17.20
N LEU A 119 -12.52 11.51 16.78
CA LEU A 119 -11.92 10.44 16.03
C LEU A 119 -11.73 10.95 14.60
N VAL A 120 -10.56 10.64 14.04
CA VAL A 120 -10.30 10.98 12.65
C VAL A 120 -10.19 9.70 11.88
N CYS A 121 -11.05 9.52 10.87
CA CYS A 121 -10.89 8.43 9.92
C CYS A 121 -10.17 8.97 8.67
N PHE A 122 -8.90 8.63 8.56
CA PHE A 122 -8.13 9.00 7.38
C PHE A 122 -8.12 7.86 6.33
N VAL A 123 -8.76 8.11 5.19
CA VAL A 123 -8.82 7.13 4.12
C VAL A 123 -7.73 7.45 3.11
N SER A 124 -6.93 6.45 2.76
CA SER A 124 -5.86 6.67 1.76
C SER A 124 -5.90 5.66 0.65
N ASN A 125 -5.06 5.85 -0.35
CA ASN A 125 -5.00 4.95 -1.52
C ASN A 125 -6.36 4.87 -2.19
N LEU A 126 -7.01 6.01 -2.31
CA LEU A 126 -8.35 6.07 -2.89
C LEU A 126 -8.23 6.44 -4.36
N PHE A 127 -8.73 5.53 -5.18
CA PHE A 127 -8.72 5.61 -6.63
C PHE A 127 -9.50 4.42 -7.18
N PRO A 128 -10.62 4.68 -7.90
CA PRO A 128 -11.17 6.00 -8.21
C PRO A 128 -11.85 6.62 -6.99
N PRO A 129 -12.04 7.95 -7.00
CA PRO A 129 -12.60 8.66 -5.85
C PRO A 129 -14.12 8.63 -5.76
N MET A 130 -14.67 7.51 -5.33
CA MET A 130 -16.09 7.37 -5.01
C MET A 130 -16.12 6.63 -3.71
N LEU A 131 -16.62 7.24 -2.64
CA LEU A 131 -16.66 6.51 -1.38
C LEU A 131 -17.76 6.93 -0.42
N THR A 132 -18.06 6.02 0.51
CA THR A 132 -18.94 6.28 1.64
C THR A 132 -18.26 5.83 2.93
N VAL A 133 -18.30 6.71 3.94
CA VAL A 133 -17.71 6.44 5.26
C VAL A 133 -18.80 6.24 6.31
N ASN A 134 -18.69 5.23 7.15
CA ASN A 134 -19.63 5.08 8.25
C ASN A 134 -18.94 4.82 9.59
N TRP A 135 -19.40 5.51 10.63
CA TRP A 135 -18.86 5.33 11.98
C TRP A 135 -19.76 4.43 12.80
N GLN A 136 -19.18 3.70 13.73
CA GLN A 136 -19.97 2.87 14.63
C GLN A 136 -19.39 2.86 16.03
N HIS A 137 -20.27 2.69 17.02
CA HIS A 137 -19.90 2.61 18.41
C HIS A 137 -20.34 1.23 18.90
N HIS A 138 -19.38 0.39 19.28
CA HIS A 138 -19.67 -1.01 19.62
C HIS A 138 -20.48 -1.68 18.52
N SER A 139 -20.06 -1.47 17.27
CA SER A 139 -20.72 -2.02 16.09
C SER A 139 -22.18 -1.58 15.94
N VAL A 140 -22.52 -0.42 16.50
CA VAL A 140 -23.82 0.22 16.32
C VAL A 140 -23.61 1.53 15.57
N PRO A 141 -24.40 1.76 14.50
CA PRO A 141 -24.23 2.99 13.70
C PRO A 141 -24.39 4.23 14.56
N VAL A 142 -23.64 5.30 14.26
CA VAL A 142 -23.71 6.54 15.04
C VAL A 142 -23.57 7.74 14.12
N GLU A 143 -24.02 8.90 14.63
CA GLU A 143 -24.21 10.15 13.86
C GLU A 143 -23.37 10.38 12.60
N GLY A 144 -22.05 10.49 12.75
CA GLY A 144 -21.18 10.78 11.63
C GLY A 144 -20.55 12.16 11.71
N PHE A 145 -21.13 13.04 12.52
CA PHE A 145 -20.58 14.38 12.77
C PHE A 145 -20.03 15.10 11.53
N GLY A 146 -20.87 15.27 10.51
CA GLY A 146 -20.49 16.09 9.37
C GLY A 146 -20.11 15.35 8.10
N PRO A 147 -19.39 16.04 7.20
CA PRO A 147 -19.12 15.50 5.86
C PRO A 147 -17.79 14.75 5.75
N THR A 148 -17.57 14.16 4.58
CA THR A 148 -16.37 13.44 4.24
C THR A 148 -15.61 14.24 3.19
N PHE A 149 -14.43 14.75 3.53
CA PHE A 149 -13.70 15.60 2.59
C PHE A 149 -12.72 14.83 1.73
N VAL A 150 -13.11 14.55 0.48
CA VAL A 150 -12.21 13.95 -0.51
C VAL A 150 -11.30 15.00 -1.16
N SER A 151 -10.00 14.70 -1.26
CA SER A 151 -9.07 15.63 -1.91
C SER A 151 -8.06 14.92 -2.78
N ALA A 152 -7.45 15.65 -3.71
CA ALA A 152 -6.43 15.09 -4.56
C ALA A 152 -5.08 15.20 -3.89
N VAL A 153 -4.21 14.22 -4.15
CA VAL A 153 -2.87 14.20 -3.61
C VAL A 153 -1.93 13.92 -4.78
N ASP A 154 -0.65 14.23 -4.61
CA ASP A 154 0.33 14.07 -5.67
C ASP A 154 0.38 12.62 -6.14
N GLY A 155 0.77 12.41 -7.39
CA GLY A 155 0.88 11.07 -7.94
C GLY A 155 -0.47 10.57 -8.44
N LEU A 156 -1.38 11.50 -8.68
CA LEU A 156 -2.69 11.18 -9.25
C LEU A 156 -3.50 10.25 -8.35
N SER A 157 -3.42 10.45 -7.05
CA SER A 157 -4.26 9.65 -6.17
C SER A 157 -5.18 10.54 -5.35
N PHE A 158 -6.04 9.92 -4.55
CA PHE A 158 -6.97 10.66 -3.71
C PHE A 158 -6.91 10.19 -2.24
N GLN A 159 -7.40 11.04 -1.34
CA GLN A 159 -7.56 10.69 0.06
C GLN A 159 -8.82 11.35 0.58
N ALA A 160 -9.17 11.05 1.81
CA ALA A 160 -10.42 11.55 2.36
C ALA A 160 -10.32 11.52 3.87
N PHE A 161 -11.00 12.45 4.52
CA PHE A 161 -11.07 12.52 5.98
C PHE A 161 -12.50 12.61 6.44
N SER A 162 -12.80 11.96 7.55
CA SER A 162 -14.09 12.14 8.17
C SER A 162 -13.87 12.31 9.69
N TYR A 163 -14.76 13.03 10.37
CA TYR A 163 -14.52 13.34 11.78
C TYR A 163 -15.73 13.01 12.64
N LEU A 164 -15.47 12.39 13.79
CA LEU A 164 -16.53 12.06 14.73
C LEU A 164 -16.20 12.65 16.11
N ASP A 165 -16.96 13.65 16.52
CA ASP A 165 -16.80 14.22 17.87
C ASP A 165 -17.26 13.22 18.92
N PHE A 166 -16.49 13.08 19.99
CA PHE A 166 -16.87 12.15 21.08
C PHE A 166 -16.18 12.44 22.41
N THR A 167 -16.66 11.81 23.47
CA THR A 167 -15.98 11.86 24.76
C THR A 167 -15.52 10.45 25.17
N PRO A 168 -14.21 10.21 25.14
CA PRO A 168 -13.67 8.85 25.33
C PRO A 168 -13.85 8.29 26.74
N GLU A 169 -14.38 7.07 26.81
CA GLU A 169 -14.55 6.36 28.07
C GLU A 169 -13.85 5.00 27.95
N PRO A 170 -13.36 4.46 29.09
CA PRO A 170 -12.46 3.30 29.13
C PRO A 170 -12.90 2.06 28.34
N SER A 171 -14.20 1.90 28.10
CA SER A 171 -14.67 0.71 27.40
C SER A 171 -15.04 0.97 25.95
N ASP A 172 -14.72 2.16 25.42
CA ASP A 172 -15.12 2.52 24.07
C ASP A 172 -14.53 1.56 23.04
N ILE A 173 -15.36 1.24 22.04
CA ILE A 173 -14.91 0.57 20.84
C ILE A 173 -15.57 1.28 19.67
N PHE A 174 -14.76 1.74 18.73
CA PHE A 174 -15.33 2.41 17.59
C PHE A 174 -14.85 1.72 16.33
N SER A 175 -15.61 1.86 15.25
CA SER A 175 -15.15 1.38 13.97
C SER A 175 -15.47 2.39 12.90
N CYS A 176 -14.64 2.38 11.86
CA CYS A 176 -14.86 3.20 10.70
C CYS A 176 -14.97 2.21 9.54
N ILE A 177 -16.04 2.32 8.75
CA ILE A 177 -16.19 1.46 7.59
C ILE A 177 -16.21 2.28 6.32
N VAL A 178 -15.33 1.93 5.40
CA VAL A 178 -15.19 2.71 4.19
C VAL A 178 -15.72 1.92 3.01
N THR A 179 -16.69 2.47 2.30
CA THR A 179 -17.19 1.74 1.14
C THR A 179 -16.66 2.40 -0.13
N HIS A 180 -15.85 1.67 -0.88
CA HIS A 180 -15.38 2.11 -2.19
C HIS A 180 -16.56 1.89 -3.15
N GLU A 181 -17.05 2.98 -3.74
CA GLU A 181 -18.33 2.90 -4.45
C GLU A 181 -18.24 2.33 -5.87
N ILE A 182 -17.03 2.06 -6.34
CA ILE A 182 -16.85 1.43 -7.65
C ILE A 182 -17.47 0.05 -7.64
N ASP A 183 -17.39 -0.66 -6.50
CA ASP A 183 -18.01 -1.98 -6.39
C ASP A 183 -18.44 -2.42 -4.98
N ARG A 184 -18.59 -1.46 -4.07
CA ARG A 184 -19.08 -1.73 -2.71
C ARG A 184 -18.15 -2.61 -1.86
N TYR A 185 -16.87 -2.64 -2.26
CA TYR A 185 -15.84 -3.21 -1.42
C TYR A 185 -15.78 -2.40 -0.12
N THR A 186 -15.59 -3.07 1.01
CA THR A 186 -15.52 -2.37 2.28
C THR A 186 -14.21 -2.60 3.03
N ALA A 187 -13.76 -1.54 3.69
CA ALA A 187 -12.56 -1.59 4.55
C ALA A 187 -12.92 -1.14 5.97
N ILE A 188 -12.29 -1.75 6.96
CA ILE A 188 -12.67 -1.42 8.32
C ILE A 188 -11.45 -1.12 9.19
N ALA A 189 -11.63 -0.20 10.12
CA ALA A 189 -10.59 0.13 11.08
C ALA A 189 -11.22 0.36 12.45
N TYR A 190 -10.72 -0.37 13.45
CA TYR A 190 -11.22 -0.32 14.81
C TYR A 190 -10.44 0.68 15.65
N TRP A 191 -11.05 1.14 16.74
CA TRP A 191 -10.35 2.01 17.67
C TRP A 191 -10.73 1.68 19.11
N VAL A 192 -9.71 1.59 19.95
CA VAL A 192 -9.91 1.35 21.37
C VAL A 192 -8.99 2.30 22.15
N PRO A 193 -9.39 2.67 23.37
CA PRO A 193 -8.59 3.59 24.19
C PRO A 193 -7.26 2.94 24.52
N ARG A 194 -6.17 3.67 24.38
CA ARG A 194 -4.88 3.14 24.78
C ARG A 194 -3.93 4.19 25.31
N ASN A 195 -3.27 3.84 26.41
CA ASN A 195 -2.28 4.69 27.06
C ASN A 195 -2.84 6.07 27.42
N ALA A 196 -4.05 6.09 27.97
CA ALA A 196 -4.70 7.33 28.35
C ALA A 196 -3.80 8.14 29.30
N LEU A 197 -3.80 9.47 29.13
CA LEU A 197 -2.97 10.32 30.00
C LEU A 197 -3.60 10.44 31.38
N PRO A 198 -2.77 10.47 32.43
CA PRO A 198 -3.19 10.47 33.86
C PRO A 198 -3.65 11.84 34.41
N SER A 199 -3.95 11.88 35.72
CA SER A 199 -4.42 13.08 36.40
C SER A 199 -3.43 13.60 37.45
N LEU A 200 -3.18 14.92 37.42
CA LEU A 200 -2.25 15.58 38.34
C LEU A 200 -2.63 15.36 39.79
N PHE B 3 -13.21 4.86 -15.70
CA PHE B 3 -11.90 5.44 -15.93
C PHE B 3 -11.83 6.76 -15.16
N VAL B 4 -10.63 7.28 -14.97
CA VAL B 4 -10.46 8.58 -14.35
C VAL B 4 -9.53 9.43 -15.20
N ALA B 5 -10.01 10.57 -15.67
CA ALA B 5 -9.14 11.47 -16.42
C ALA B 5 -8.69 12.60 -15.52
N HIS B 6 -7.52 13.14 -15.83
CA HIS B 6 -6.88 14.13 -15.01
C HIS B 6 -6.44 15.29 -15.90
N VAL B 7 -6.86 16.50 -15.55
CA VAL B 7 -6.27 17.71 -16.10
C VAL B 7 -5.66 18.51 -14.93
N GLU B 8 -4.36 18.34 -14.73
CA GLU B 8 -3.70 18.75 -13.51
C GLU B 8 -2.66 19.84 -13.76
N SER B 9 -2.81 20.96 -13.07
CA SER B 9 -1.79 22.00 -13.12
C SER B 9 -1.24 22.28 -11.72
N THR B 10 0.08 22.32 -11.62
CA THR B 10 0.71 22.66 -10.36
C THR B 10 1.58 23.89 -10.55
N CYS B 11 1.57 24.78 -9.56
CA CYS B 11 2.46 25.92 -9.56
C CYS B 11 3.38 25.85 -8.34
N LEU B 12 4.68 25.92 -8.58
CA LEU B 12 5.70 25.84 -7.52
C LEU B 12 6.06 27.25 -7.03
N LEU B 13 5.33 27.78 -6.05
CA LEU B 13 5.48 29.18 -5.64
C LEU B 13 6.58 29.43 -4.62
N ASP B 14 6.48 30.56 -3.93
CA ASP B 14 7.48 30.95 -2.94
C ASP B 14 6.80 31.64 -1.76
N ASP B 15 7.52 31.74 -0.65
CA ASP B 15 7.02 32.48 0.51
C ASP B 15 6.71 33.91 0.08
N ALA B 16 7.62 34.47 -0.71
CA ALA B 16 7.44 35.80 -1.29
C ALA B 16 6.20 35.84 -2.17
N GLY B 17 5.98 34.76 -2.92
CA GLY B 17 4.86 34.67 -3.85
C GLY B 17 5.29 34.56 -5.30
N THR B 18 6.56 34.21 -5.48
CA THR B 18 7.18 34.19 -6.80
C THR B 18 7.28 32.77 -7.37
N PRO B 19 6.52 32.50 -8.44
CA PRO B 19 6.55 31.20 -9.12
C PRO B 19 7.97 30.81 -9.54
N LYS B 20 8.45 29.67 -9.07
CA LYS B 20 9.79 29.20 -9.41
C LYS B 20 9.73 28.02 -10.39
N ASP B 21 8.50 27.68 -10.80
CA ASP B 21 8.23 26.59 -11.75
C ASP B 21 6.73 26.40 -11.99
N PHE B 22 6.38 25.53 -12.95
CA PHE B 22 5.00 25.41 -13.40
C PHE B 22 4.82 24.20 -14.30
N THR B 23 3.81 23.38 -14.00
CA THR B 23 3.42 22.29 -14.90
C THR B 23 1.94 22.33 -15.23
N TYR B 24 1.60 21.67 -16.33
CA TYR B 24 0.23 21.44 -16.76
C TYR B 24 0.26 20.07 -17.46
N CYS B 25 -0.49 19.11 -16.93
CA CYS B 25 -0.40 17.72 -17.37
C CYS B 25 -1.75 17.05 -17.57
N ILE B 26 -1.82 16.14 -18.55
CA ILE B 26 -3.02 15.37 -18.81
C ILE B 26 -2.74 13.87 -18.65
N SER B 27 -3.59 13.19 -17.90
CA SER B 27 -3.46 11.77 -17.69
C SER B 27 -4.81 11.16 -17.87
N PHE B 28 -4.81 9.85 -18.09
CA PHE B 28 -6.04 9.11 -18.28
C PHE B 28 -5.73 7.73 -17.66
N ASN B 29 -6.66 7.18 -16.89
CA ASN B 29 -6.45 5.88 -16.27
C ASN B 29 -5.16 5.84 -15.45
N LYS B 30 -4.84 6.96 -14.79
CA LYS B 30 -3.64 7.09 -13.96
C LYS B 30 -2.33 7.10 -14.75
N ASP B 31 -2.44 6.97 -16.07
CA ASP B 31 -1.28 7.02 -16.96
C ASP B 31 -1.04 8.44 -17.44
N LEU B 32 0.14 8.98 -17.18
CA LEU B 32 0.53 10.31 -17.65
C LEU B 32 0.74 10.37 -19.17
N LEU B 33 -0.06 11.16 -19.87
CA LEU B 33 -0.04 11.11 -21.34
C LEU B 33 0.78 12.23 -21.98
N THR B 34 0.43 13.47 -21.65
CA THR B 34 1.10 14.61 -22.25
C THR B 34 1.16 15.84 -21.33
N CYS B 35 2.38 16.35 -21.18
CA CYS B 35 2.62 17.54 -20.38
C CYS B 35 3.10 18.71 -21.20
N TRP B 36 2.70 19.91 -20.78
CA TRP B 36 3.12 21.15 -21.39
C TRP B 36 4.64 21.32 -21.30
N ASP B 37 5.24 21.79 -22.38
CA ASP B 37 6.66 22.16 -22.39
C ASP B 37 6.75 23.67 -22.62
N PRO B 38 7.24 24.39 -21.61
CA PRO B 38 7.35 25.86 -21.70
C PRO B 38 8.57 26.26 -22.51
N GLU B 39 9.36 25.26 -22.93
CA GLU B 39 10.54 25.52 -23.75
C GLU B 39 10.20 25.58 -25.24
N GLU B 40 9.32 24.68 -25.70
CA GLU B 40 8.94 24.64 -27.10
C GLU B 40 7.49 25.04 -27.31
N ASN B 41 6.84 25.46 -26.24
CA ASN B 41 5.45 25.95 -26.29
C ASN B 41 4.44 25.02 -26.93
N LYS B 42 4.49 23.75 -26.53
CA LYS B 42 3.56 22.75 -27.02
C LYS B 42 3.42 21.60 -26.03
N MET B 43 2.42 20.75 -26.24
CA MET B 43 2.22 19.56 -25.43
C MET B 43 3.04 18.40 -25.97
N ALA B 44 3.98 17.91 -25.17
CA ALA B 44 4.86 16.83 -25.62
C ALA B 44 4.51 15.51 -24.93
N PRO B 45 4.44 14.45 -25.73
CA PRO B 45 4.10 13.13 -25.19
C PRO B 45 5.09 12.66 -24.13
N SER B 46 4.57 12.21 -23.00
CA SER B 46 5.38 11.62 -21.94
C SER B 46 5.32 10.08 -21.96
N GLU B 47 4.17 9.54 -22.34
CA GLU B 47 3.99 8.09 -22.40
C GLU B 47 4.46 7.50 -23.76
N PHE B 48 5.41 6.57 -23.70
CA PHE B 48 5.88 5.86 -24.90
C PHE B 48 5.62 4.37 -24.74
N GLY B 49 4.44 4.04 -24.23
CA GLY B 49 4.05 2.66 -24.11
C GLY B 49 2.90 2.41 -25.07
N VAL B 50 1.92 1.66 -24.61
CA VAL B 50 0.74 1.34 -25.40
C VAL B 50 -0.07 2.60 -25.77
N LEU B 51 -0.14 3.52 -24.82
CA LEU B 51 -0.99 4.70 -24.98
C LEU B 51 -0.28 5.87 -25.67
N ASN B 52 0.92 5.61 -26.16
CA ASN B 52 1.70 6.62 -26.87
C ASN B 52 0.95 7.22 -28.04
N SER B 53 0.37 6.35 -28.86
CA SER B 53 -0.36 6.79 -30.04
C SER B 53 -1.47 7.79 -29.66
N LEU B 54 -2.19 7.46 -28.59
CA LEU B 54 -3.21 8.35 -28.04
C LEU B 54 -2.60 9.66 -27.54
N ALA B 55 -1.37 9.56 -27.02
CA ALA B 55 -0.73 10.70 -26.40
C ALA B 55 -0.39 11.76 -27.46
N ASN B 56 -0.10 11.30 -28.68
CA ASN B 56 0.15 12.23 -29.78
C ASN B 56 -1.13 12.90 -30.28
N VAL B 57 -2.23 12.14 -30.26
CA VAL B 57 -3.54 12.65 -30.67
C VAL B 57 -4.11 13.73 -29.74
N LEU B 58 -3.98 13.54 -28.44
CA LEU B 58 -4.40 14.56 -27.48
C LEU B 58 -3.49 15.77 -27.61
N SER B 59 -2.19 15.51 -27.70
CA SER B 59 -1.19 16.57 -27.81
C SER B 59 -1.49 17.52 -28.96
N GLN B 60 -1.91 16.97 -30.09
CA GLN B 60 -2.12 17.78 -31.29
C GLN B 60 -3.48 18.50 -31.31
N HIS B 61 -4.49 17.92 -30.66
CA HIS B 61 -5.79 18.60 -30.50
C HIS B 61 -5.62 19.86 -29.67
N LEU B 62 -4.74 19.81 -28.67
CA LEU B 62 -4.53 20.92 -27.76
C LEU B 62 -3.56 21.95 -28.36
N ASN B 63 -2.64 21.45 -29.19
CA ASN B 63 -1.61 22.29 -29.80
C ASN B 63 -2.14 23.35 -30.78
N GLN B 64 -3.43 23.26 -31.09
CA GLN B 64 -4.07 24.11 -32.08
C GLN B 64 -5.11 25.08 -31.47
N LYS B 65 -5.04 25.27 -30.16
CA LYS B 65 -5.98 26.15 -29.47
C LYS B 65 -5.30 27.40 -28.91
N ASP B 66 -5.63 28.58 -29.45
CA ASP B 66 -5.00 29.84 -29.03
C ASP B 66 -5.28 30.18 -27.57
N THR B 67 -6.54 30.05 -27.17
CA THR B 67 -6.97 30.31 -25.81
C THR B 67 -6.22 29.46 -24.78
N LEU B 68 -5.49 28.45 -25.27
CA LEU B 68 -4.73 27.55 -24.40
C LEU B 68 -3.22 27.75 -24.52
N MET B 69 -2.72 27.78 -25.75
CA MET B 69 -1.27 27.82 -25.98
C MET B 69 -0.62 29.08 -25.41
N GLN B 70 -1.42 30.10 -25.17
CA GLN B 70 -0.92 31.34 -24.58
C GLN B 70 -1.26 31.43 -23.09
N ARG B 71 -2.35 30.78 -22.67
CA ARG B 71 -2.70 30.69 -21.24
C ARG B 71 -1.58 30.04 -20.44
N LEU B 72 -0.81 29.19 -21.09
CA LEU B 72 0.25 28.43 -20.44
C LEU B 72 1.63 28.98 -20.80
N ARG B 73 1.68 29.83 -21.82
CA ARG B 73 2.92 30.50 -22.16
C ARG B 73 3.19 31.52 -21.07
N ASN B 74 2.11 32.03 -20.48
CA ASN B 74 2.21 32.91 -19.33
C ASN B 74 1.86 32.17 -18.05
N GLY B 75 2.29 30.91 -17.96
CA GLY B 75 2.01 30.08 -16.81
C GLY B 75 2.48 30.69 -15.50
N LEU B 76 3.76 31.04 -15.44
CA LEU B 76 4.36 31.57 -14.21
C LEU B 76 3.63 32.78 -13.67
N GLN B 77 3.54 33.84 -14.47
CA GLN B 77 2.91 35.09 -14.05
C GLN B 77 1.43 34.94 -13.70
N ASN B 78 0.79 33.93 -14.29
CA ASN B 78 -0.63 33.69 -14.07
C ASN B 78 -0.88 33.11 -12.68
N CYS B 79 0.06 32.30 -12.20
CA CYS B 79 -0.01 31.69 -10.88
C CYS B 79 -0.08 32.77 -9.82
N ALA B 80 0.91 33.66 -9.86
CA ALA B 80 1.00 34.78 -8.93
C ALA B 80 -0.30 35.58 -8.86
N THR B 81 -0.95 35.74 -9.99
CA THR B 81 -2.20 36.51 -10.07
C THR B 81 -3.34 35.84 -9.31
N HIS B 82 -3.47 34.52 -9.45
CA HIS B 82 -4.50 33.77 -8.75
C HIS B 82 -4.11 33.60 -7.28
N THR B 83 -2.82 33.43 -7.05
CA THR B 83 -2.28 33.21 -5.71
C THR B 83 -1.74 34.50 -5.12
N GLN B 84 -2.65 35.42 -4.81
CA GLN B 84 -2.27 36.72 -4.32
C GLN B 84 -3.19 37.21 -3.21
N PRO B 85 -4.53 37.09 -3.38
CA PRO B 85 -5.38 37.47 -2.26
C PRO B 85 -5.20 36.61 -1.00
N PHE B 86 -5.23 35.28 -1.12
CA PHE B 86 -5.09 34.40 0.04
C PHE B 86 -3.63 34.14 0.37
N TRP B 87 -2.76 34.35 -0.61
CA TRP B 87 -1.35 34.12 -0.40
C TRP B 87 -0.82 35.22 0.50
N GLY B 88 0.24 34.91 1.24
CA GLY B 88 0.71 35.80 2.27
C GLY B 88 -0.04 35.48 3.54
N SER B 89 -1.36 35.37 3.42
CA SER B 89 -2.19 34.93 4.53
C SER B 89 -1.80 33.53 4.98
N LEU B 90 -1.86 32.56 4.06
CA LEU B 90 -1.54 31.19 4.41
C LEU B 90 -0.04 31.05 4.67
N THR B 91 0.73 31.83 3.93
CA THR B 91 2.18 31.79 4.00
C THR B 91 2.72 31.94 5.42
N ASP B 92 2.07 32.75 6.25
CA ASP B 92 2.44 32.86 7.67
C ASP B 92 1.31 32.42 8.60
N ARG B 93 0.59 31.40 8.17
CA ARG B 93 -0.38 30.72 9.02
C ARG B 93 0.37 29.75 9.92
N THR B 94 0.33 29.97 11.23
CA THR B 94 0.87 28.99 12.16
C THR B 94 -0.06 28.79 13.33
N ARG B 95 -0.17 27.54 13.76
CA ARG B 95 -0.78 27.23 15.03
C ARG B 95 0.34 26.58 15.83
N PRO B 96 0.62 27.12 17.03
CA PRO B 96 1.66 26.53 17.90
C PRO B 96 1.26 25.14 18.36
N PRO B 97 2.25 24.27 18.65
CA PRO B 97 1.98 22.90 19.12
C PRO B 97 1.76 22.81 20.61
N SER B 98 0.68 22.18 21.02
CA SER B 98 0.50 21.86 22.42
C SER B 98 1.19 20.53 22.70
N VAL B 99 1.91 20.45 23.82
CA VAL B 99 2.67 19.25 24.16
C VAL B 99 2.50 18.74 25.61
N GLN B 100 2.46 17.41 25.75
CA GLN B 100 2.30 16.72 27.03
C GLN B 100 3.25 15.55 27.12
N VAL B 101 3.66 15.19 28.33
CA VAL B 101 4.48 14.01 28.51
C VAL B 101 3.86 13.09 29.56
N ALA B 102 3.67 11.82 29.18
CA ALA B 102 3.15 10.81 30.10
C ALA B 102 3.83 9.47 29.88
N LYS B 103 3.65 8.54 30.81
CA LYS B 103 4.13 7.19 30.60
C LYS B 103 3.23 6.50 29.60
N THR B 104 3.77 5.49 28.92
CA THR B 104 3.03 4.72 27.95
C THR B 104 3.55 3.30 28.06
N THR B 105 2.88 2.33 27.47
CA THR B 105 3.34 0.96 27.58
C THR B 105 4.67 0.76 26.88
N PRO B 106 5.70 0.32 27.62
CA PRO B 106 7.00 0.03 27.01
C PRO B 106 6.86 -0.98 25.90
N PHE B 107 7.66 -0.79 24.85
CA PHE B 107 7.69 -1.69 23.73
C PHE B 107 9.11 -1.64 23.18
N ASN B 108 9.61 -2.78 22.71
CA ASN B 108 10.97 -2.91 22.17
C ASN B 108 12.15 -2.54 23.07
N THR B 109 12.06 -2.81 24.37
CA THR B 109 13.09 -2.35 25.26
C THR B 109 13.10 -3.17 26.55
N ARG B 110 14.28 -3.29 27.18
CA ARG B 110 14.38 -3.85 28.53
C ARG B 110 13.96 -2.83 29.59
N GLU B 111 14.10 -1.55 29.24
CA GLU B 111 13.86 -0.45 30.16
C GLU B 111 12.45 -0.53 30.72
N PRO B 112 12.30 -0.25 32.03
CA PRO B 112 11.03 -0.42 32.74
C PRO B 112 10.06 0.73 32.53
N VAL B 113 10.52 1.83 31.93
CA VAL B 113 9.68 3.00 31.79
C VAL B 113 9.82 3.54 30.40
N MET B 114 8.70 3.94 29.82
CA MET B 114 8.72 4.61 28.54
C MET B 114 7.88 5.88 28.60
N LEU B 115 8.51 7.03 28.37
CA LEU B 115 7.78 8.28 28.28
C LEU B 115 7.37 8.53 26.83
N ALA B 116 6.21 9.16 26.64
CA ALA B 116 5.79 9.54 25.33
C ALA B 116 5.57 11.02 25.34
N CYS B 117 6.21 11.72 24.42
CA CYS B 117 5.96 13.13 24.25
C CYS B 117 4.96 13.36 23.11
N TYR B 118 3.71 13.65 23.46
CA TYR B 118 2.70 13.98 22.45
C TYR B 118 2.81 15.42 21.97
N VAL B 119 2.70 15.62 20.66
CA VAL B 119 2.77 16.96 20.08
C VAL B 119 1.67 17.15 19.03
N TRP B 120 0.75 18.08 19.27
CA TRP B 120 -0.42 18.18 18.41
C TRP B 120 -0.94 19.59 18.09
N GLY B 121 -1.90 19.66 17.16
CA GLY B 121 -2.59 20.90 16.83
C GLY B 121 -1.76 21.92 16.07
N PHE B 122 -0.53 21.54 15.73
CA PHE B 122 0.36 22.50 15.10
C PHE B 122 0.19 22.60 13.59
N TYR B 123 0.71 23.70 13.06
CA TYR B 123 0.80 23.97 11.64
C TYR B 123 1.86 25.07 11.52
N PRO B 124 2.76 24.95 10.54
CA PRO B 124 2.83 23.86 9.55
C PRO B 124 3.28 22.53 10.16
N ALA B 125 3.56 21.55 9.31
CA ALA B 125 3.78 20.17 9.74
C ALA B 125 5.17 19.97 10.33
N GLU B 126 6.16 20.66 9.78
CA GLU B 126 7.54 20.54 10.22
C GLU B 126 7.72 20.75 11.73
N VAL B 127 8.49 19.88 12.38
CA VAL B 127 8.65 19.90 13.84
C VAL B 127 9.93 19.17 14.29
N THR B 128 10.50 19.59 15.43
CA THR B 128 11.68 18.95 15.99
C THR B 128 11.59 18.65 17.48
N ILE B 129 11.75 17.38 17.83
CA ILE B 129 11.61 16.90 19.19
C ILE B 129 12.93 16.32 19.70
N THR B 130 13.31 16.69 20.91
CA THR B 130 14.57 16.24 21.50
C THR B 130 14.38 16.00 23.00
N TRP B 131 15.19 15.11 23.56
CA TRP B 131 15.11 14.82 25.00
C TRP B 131 16.34 15.26 25.78
N ARG B 132 16.12 15.65 27.02
CA ARG B 132 17.22 15.98 27.92
C ARG B 132 17.00 15.24 29.23
N LYS B 133 18.08 14.69 29.78
CA LYS B 133 18.05 14.08 31.11
C LYS B 133 18.82 14.98 32.06
N ASN B 134 18.09 15.68 32.94
CA ASN B 134 18.69 16.67 33.82
C ASN B 134 19.54 17.69 33.04
N GLY B 135 18.96 18.33 32.02
CA GLY B 135 19.64 19.38 31.30
C GLY B 135 20.52 18.97 30.13
N LYS B 136 21.10 17.79 30.22
CA LYS B 136 22.00 17.31 29.18
C LYS B 136 21.23 16.49 28.14
N LEU B 137 21.44 16.76 26.86
CA LEU B 137 20.82 15.99 25.78
C LEU B 137 21.05 14.47 25.91
N VAL B 138 20.22 13.69 25.23
CA VAL B 138 20.34 12.23 25.22
C VAL B 138 19.54 11.66 24.04
N MET B 139 20.02 10.55 23.47
CA MET B 139 19.36 9.95 22.30
C MET B 139 18.04 9.25 22.63
N PRO B 140 17.04 9.38 21.74
CA PRO B 140 15.70 8.82 21.94
C PRO B 140 15.54 7.37 21.47
N HIS B 141 14.42 6.76 21.84
CA HIS B 141 14.05 5.43 21.34
C HIS B 141 13.70 5.54 19.87
N SER B 142 13.22 6.71 19.46
CA SER B 142 12.82 6.97 18.08
C SER B 142 14.01 7.08 17.13
N SER B 143 13.84 6.47 15.96
CA SER B 143 14.76 6.65 14.84
C SER B 143 13.89 6.49 13.60
N ALA B 144 14.50 6.20 12.46
CA ALA B 144 13.77 5.90 11.24
C ALA B 144 12.77 6.99 10.79
N HIS B 145 13.21 8.25 10.77
CA HIS B 145 12.50 9.36 10.11
C HIS B 145 10.97 9.46 10.32
N LYS B 146 10.53 9.89 11.50
CA LYS B 146 9.11 10.13 11.74
C LYS B 146 8.70 11.49 11.22
N THR B 147 7.59 11.55 10.48
CA THR B 147 7.04 12.81 9.97
C THR B 147 5.62 13.00 10.50
N ALA B 148 5.24 14.26 10.75
CA ALA B 148 3.95 14.57 11.36
C ALA B 148 2.78 13.98 10.58
N GLN B 149 1.78 13.48 11.30
CA GLN B 149 0.57 12.99 10.67
C GLN B 149 -0.38 14.16 10.39
N PRO B 150 -0.89 14.24 9.16
CA PRO B 150 -1.90 15.28 8.91
C PRO B 150 -3.25 14.88 9.45
N ASN B 151 -3.85 15.75 10.27
CA ASN B 151 -5.22 15.53 10.73
C ASN B 151 -6.26 15.84 9.65
N GLY B 152 -5.84 16.55 8.60
CA GLY B 152 -6.72 16.87 7.50
C GLY B 152 -7.53 18.13 7.72
N ASP B 153 -7.21 18.86 8.78
CA ASP B 153 -7.86 20.13 9.01
C ASP B 153 -6.82 21.22 9.31
N TRP B 154 -5.75 21.23 8.53
CA TRP B 154 -4.68 22.23 8.66
C TRP B 154 -4.02 22.21 10.04
N THR B 155 -4.02 21.05 10.68
CA THR B 155 -3.24 20.81 11.88
C THR B 155 -2.52 19.48 11.76
N TYR B 156 -1.41 19.33 12.48
CA TYR B 156 -0.65 18.08 12.44
C TYR B 156 -0.37 17.55 13.85
N GLN B 157 -0.08 16.26 13.95
CA GLN B 157 0.29 15.67 15.24
C GLN B 157 1.46 14.69 15.10
N THR B 158 2.21 14.49 16.19
CA THR B 158 3.30 13.51 16.21
C THR B 158 3.64 13.10 17.64
N LEU B 159 4.64 12.24 17.80
CA LEU B 159 5.12 11.84 19.12
C LEU B 159 6.55 11.33 19.09
N SER B 160 7.11 11.18 20.28
CA SER B 160 8.47 10.69 20.41
C SER B 160 8.55 9.95 21.73
N HIS B 161 9.39 8.92 21.77
CA HIS B 161 9.52 8.15 22.99
C HIS B 161 10.93 8.20 23.52
N LEU B 162 11.07 7.91 24.81
CA LEU B 162 12.38 7.80 25.45
C LEU B 162 12.25 6.71 26.48
N ALA B 163 13.03 5.64 26.32
CA ALA B 163 13.12 4.59 27.31
C ALA B 163 14.19 4.93 28.37
N LEU B 164 13.91 4.61 29.62
CA LEU B 164 14.82 4.96 30.71
C LEU B 164 14.67 4.05 31.94
N THR B 165 15.69 4.07 32.80
CA THR B 165 15.59 3.49 34.13
C THR B 165 15.52 4.61 35.18
N PRO B 166 14.34 4.78 35.80
CA PRO B 166 14.08 5.93 36.69
C PRO B 166 14.94 5.90 37.96
N SER B 167 15.59 7.02 38.25
CA SER B 167 16.29 7.17 39.52
C SER B 167 15.76 8.43 40.25
N TYR B 168 15.87 8.44 41.58
CA TYR B 168 15.14 9.40 42.43
C TYR B 168 15.21 10.88 42.03
N GLY B 169 16.41 11.44 41.98
CA GLY B 169 16.55 12.86 41.65
C GLY B 169 16.26 13.22 40.20
N ASP B 170 16.49 12.28 39.30
CA ASP B 170 16.37 12.47 37.85
C ASP B 170 15.10 13.20 37.41
N THR B 171 15.27 14.16 36.50
CA THR B 171 14.13 14.81 35.85
C THR B 171 14.34 14.89 34.32
N TYR B 172 13.33 14.41 33.58
CA TYR B 172 13.43 14.25 32.14
C TYR B 172 12.63 15.34 31.42
N THR B 173 13.10 15.73 30.24
CA THR B 173 12.54 16.91 29.58
C THR B 173 12.27 16.66 28.11
N CYS B 174 11.06 17.00 27.69
CA CYS B 174 10.68 16.95 26.30
C CYS B 174 10.94 18.33 25.69
N VAL B 175 11.68 18.36 24.58
CA VAL B 175 12.11 19.64 23.99
C VAL B 175 11.64 19.83 22.53
N VAL B 176 10.53 20.53 22.39
CA VAL B 176 9.86 20.66 21.09
C VAL B 176 10.12 22.00 20.39
N GLU B 177 10.61 21.93 19.15
CA GLU B 177 10.90 23.12 18.35
C GLU B 177 10.00 23.26 17.13
N HIS B 178 9.05 24.19 17.20
CA HIS B 178 8.19 24.50 16.05
C HIS B 178 8.22 25.99 15.75
N ILE B 179 7.92 26.35 14.50
CA ILE B 179 7.82 27.77 14.14
C ILE B 179 6.68 28.47 14.88
N GLY B 180 5.63 27.74 15.21
CA GLY B 180 4.48 28.32 15.88
C GLY B 180 4.76 28.90 17.26
N ALA B 181 5.97 28.69 17.77
CA ALA B 181 6.36 29.27 19.06
C ALA B 181 7.76 29.87 18.99
N PRO B 182 7.92 31.10 19.54
CA PRO B 182 9.20 31.82 19.51
C PRO B 182 10.27 31.08 20.30
N GLU B 183 9.89 30.51 21.44
CA GLU B 183 10.82 29.77 22.29
C GLU B 183 10.53 28.27 22.20
N PRO B 184 11.59 27.44 22.26
CA PRO B 184 11.46 25.98 22.34
C PRO B 184 10.57 25.56 23.49
N ILE B 185 9.57 24.73 23.24
CA ILE B 185 8.69 24.28 24.33
C ILE B 185 9.35 23.20 25.19
N LEU B 186 9.23 23.35 26.50
CA LEU B 186 9.75 22.35 27.43
C LEU B 186 8.63 21.70 28.23
N ARG B 187 8.78 20.41 28.52
CA ARG B 187 7.88 19.67 29.39
C ARG B 187 8.70 18.77 30.29
N ASP B 188 8.32 18.67 31.55
CA ASP B 188 9.08 17.90 32.51
C ASP B 188 8.34 16.67 33.01
N TRP B 189 9.12 15.75 33.57
CA TRP B 189 8.59 14.57 34.18
C TRP B 189 9.59 14.06 35.22
N THR B 190 9.11 13.68 36.41
CA THR B 190 9.98 13.07 37.40
C THR B 190 9.38 11.79 37.90
N PRO B 191 10.23 10.82 38.27
CA PRO B 191 9.77 9.58 38.88
C PRO B 191 9.01 9.86 40.19
N GLY B 192 7.72 9.56 40.19
CA GLY B 192 6.92 9.71 41.39
C GLY B 192 6.30 8.39 41.76
N LEU B 193 6.29 8.09 43.05
CA LEU B 193 5.58 6.94 43.61
C LEU B 193 6.29 5.64 43.28
N ASN C 4 5.26 -7.37 -27.91
CA ASN C 4 4.90 -8.35 -28.94
C ASN C 4 4.64 -9.73 -28.32
N CYS C 5 3.95 -10.59 -29.07
CA CYS C 5 3.51 -11.90 -28.60
C CYS C 5 4.38 -13.04 -29.12
N LEU C 6 5.09 -13.74 -28.21
CA LEU C 6 5.89 -14.91 -28.62
C LEU C 6 5.02 -16.18 -28.75
N LYS C 7 4.71 -16.53 -29.99
CA LYS C 7 3.75 -17.57 -30.28
C LYS C 7 4.44 -18.92 -30.41
N LEU C 8 3.80 -19.96 -29.86
CA LEU C 8 4.29 -21.32 -29.99
C LEU C 8 4.35 -21.83 -31.44
N ALA C 9 5.13 -22.87 -31.67
CA ALA C 9 5.20 -23.55 -32.96
C ALA C 9 3.87 -24.20 -33.29
N THR C 10 3.44 -24.14 -34.54
CA THR C 10 2.09 -24.61 -34.89
C THR C 10 2.06 -25.94 -35.64
N LYS D 2 22.43 -17.84 -3.14
CA LYS D 2 23.38 -16.76 -2.89
C LYS D 2 22.96 -15.47 -3.58
N GLU D 3 21.82 -15.49 -4.27
CA GLU D 3 21.30 -14.30 -4.98
C GLU D 3 20.70 -13.30 -4.02
N GLU D 4 20.50 -12.07 -4.47
CA GLU D 4 19.94 -11.07 -3.57
C GLU D 4 18.45 -10.88 -3.82
N HIS D 5 18.09 -10.56 -5.05
CA HIS D 5 16.71 -10.22 -5.31
C HIS D 5 16.19 -10.90 -6.54
N VAL D 6 14.87 -11.10 -6.59
CA VAL D 6 14.24 -11.62 -7.78
C VAL D 6 12.99 -10.84 -8.17
N ILE D 7 12.98 -10.31 -9.39
CA ILE D 7 11.72 -9.78 -9.94
C ILE D 7 11.09 -10.77 -10.93
N ILE D 8 9.82 -11.10 -10.72
CA ILE D 8 9.14 -12.07 -11.56
C ILE D 8 7.92 -11.44 -12.19
N GLN D 9 7.84 -11.52 -13.52
CA GLN D 9 6.64 -11.19 -14.24
C GLN D 9 5.96 -12.52 -14.55
N ALA D 10 4.76 -12.73 -13.99
CA ALA D 10 4.11 -14.04 -14.14
C ALA D 10 2.75 -13.88 -14.78
N GLU D 11 2.46 -14.69 -15.80
CA GLU D 11 1.16 -14.64 -16.43
C GLU D 11 0.61 -16.05 -16.47
N PHE D 12 -0.71 -16.17 -16.44
CA PHE D 12 -1.33 -17.46 -16.71
C PHE D 12 -2.63 -17.31 -17.43
N TYR D 13 -3.08 -18.39 -18.03
CA TYR D 13 -4.40 -18.48 -18.58
C TYR D 13 -4.93 -19.91 -18.35
N LEU D 14 -6.22 -20.04 -18.08
CA LEU D 14 -6.76 -21.30 -17.64
C LEU D 14 -8.09 -21.62 -18.37
N ASN D 15 -8.17 -22.83 -18.93
CA ASN D 15 -9.41 -23.33 -19.54
C ASN D 15 -9.97 -24.50 -18.73
N PRO D 16 -11.30 -24.69 -18.78
CA PRO D 16 -12.27 -23.92 -19.59
C PRO D 16 -12.82 -22.68 -18.87
N ASP D 17 -12.21 -22.31 -17.76
CA ASP D 17 -12.66 -21.21 -16.92
C ASP D 17 -12.55 -19.86 -17.58
N GLN D 18 -11.55 -19.74 -18.46
CA GLN D 18 -11.24 -18.45 -19.09
C GLN D 18 -10.85 -17.40 -18.06
N SER D 19 -10.09 -17.82 -17.06
CA SER D 19 -9.49 -16.89 -16.12
C SER D 19 -7.99 -16.74 -16.44
N GLY D 20 -7.39 -15.64 -16.01
CA GLY D 20 -6.05 -15.35 -16.42
C GLY D 20 -5.51 -14.20 -15.63
N GLU D 21 -4.19 -14.06 -15.60
CA GLU D 21 -3.58 -13.02 -14.79
C GLU D 21 -2.30 -12.51 -15.39
N PHE D 22 -1.94 -11.30 -15.00
CA PHE D 22 -0.68 -10.72 -15.35
C PHE D 22 -0.20 -9.97 -14.10
N MET D 23 0.93 -10.37 -13.55
CA MET D 23 1.39 -9.76 -12.31
C MET D 23 2.92 -9.63 -12.22
N PHE D 24 3.38 -8.75 -11.32
CA PHE D 24 4.80 -8.59 -11.02
C PHE D 24 5.04 -8.89 -9.53
N ASP D 25 6.26 -9.23 -9.16
CA ASP D 25 6.51 -9.87 -7.89
C ASP D 25 7.95 -9.59 -7.48
N PHE D 26 8.15 -9.04 -6.28
CA PHE D 26 9.49 -8.77 -5.78
C PHE D 26 9.79 -9.62 -4.55
N ASP D 27 10.75 -10.54 -4.67
CA ASP D 27 11.06 -11.50 -3.60
C ASP D 27 9.81 -12.12 -3.00
N GLY D 28 8.90 -12.57 -3.86
CA GLY D 28 7.68 -13.22 -3.40
C GLY D 28 6.53 -12.31 -3.03
N ASP D 29 6.73 -11.00 -3.03
CA ASP D 29 5.63 -10.08 -2.73
C ASP D 29 5.09 -9.42 -4.00
N GLU D 30 3.77 -9.36 -4.11
CA GLU D 30 3.12 -8.77 -5.28
C GLU D 30 3.33 -7.25 -5.38
N ILE D 31 3.90 -6.78 -6.50
CA ILE D 31 3.91 -5.36 -6.81
C ILE D 31 2.55 -4.92 -7.32
N PHE D 32 2.01 -5.61 -8.34
CA PHE D 32 0.65 -5.32 -8.81
C PHE D 32 0.10 -6.46 -9.68
N HIS D 33 -1.21 -6.45 -9.91
CA HIS D 33 -1.76 -7.42 -10.84
C HIS D 33 -2.80 -6.86 -11.84
N VAL D 34 -3.06 -7.66 -12.87
CA VAL D 34 -4.24 -7.51 -13.70
C VAL D 34 -4.99 -8.83 -13.75
N ASP D 35 -6.29 -8.76 -13.55
CA ASP D 35 -7.14 -9.94 -13.56
C ASP D 35 -7.96 -10.00 -14.84
N MET D 36 -8.39 -11.19 -15.22
CA MET D 36 -9.36 -11.37 -16.29
C MET D 36 -10.81 -11.28 -15.74
N ALA D 37 -10.95 -11.46 -14.43
CA ALA D 37 -12.26 -11.45 -13.77
C ALA D 37 -12.78 -10.04 -13.48
N LYS D 38 -11.86 -9.12 -13.24
CA LYS D 38 -12.20 -7.75 -12.92
C LYS D 38 -11.67 -6.78 -13.97
N LYS D 39 -10.71 -7.25 -14.78
CA LYS D 39 -9.99 -6.40 -15.71
C LYS D 39 -9.57 -5.05 -15.14
N GLU D 40 -9.14 -5.07 -13.88
CA GLU D 40 -8.61 -3.89 -13.20
C GLU D 40 -7.09 -4.06 -13.07
N THR D 41 -6.35 -2.96 -13.17
CA THR D 41 -4.95 -2.94 -12.75
C THR D 41 -4.91 -2.56 -11.26
N VAL D 42 -4.41 -3.43 -10.40
CA VAL D 42 -4.45 -3.19 -8.97
C VAL D 42 -3.06 -3.27 -8.33
N TRP D 43 -2.59 -2.17 -7.73
CA TRP D 43 -1.31 -2.14 -7.07
C TRP D 43 -1.43 -2.59 -5.59
N ARG D 44 -0.42 -3.28 -5.08
CA ARG D 44 -0.58 -3.91 -3.78
C ARG D 44 -0.56 -2.87 -2.69
N LEU D 45 0.39 -1.96 -2.76
CA LEU D 45 0.48 -0.81 -1.86
C LEU D 45 0.47 0.47 -2.71
N GLU D 46 0.05 1.59 -2.12
CA GLU D 46 -0.09 2.84 -2.86
C GLU D 46 1.20 3.30 -3.52
N GLU D 47 2.33 3.08 -2.85
CA GLU D 47 3.65 3.39 -3.40
C GLU D 47 3.90 2.80 -4.81
N PHE D 48 3.23 1.69 -5.15
CA PHE D 48 3.41 1.07 -6.46
C PHE D 48 2.41 1.58 -7.52
N GLY D 49 1.58 2.57 -7.16
CA GLY D 49 0.59 3.10 -8.08
C GLY D 49 1.14 3.53 -9.43
N ARG D 50 2.16 4.40 -9.44
CA ARG D 50 2.72 4.91 -10.69
C ARG D 50 3.33 3.81 -11.54
N PHE D 51 4.13 2.98 -10.88
CA PHE D 51 4.78 1.87 -11.55
C PHE D 51 3.77 0.97 -12.22
N ALA D 52 2.68 0.70 -11.53
CA ALA D 52 1.69 -0.25 -12.00
C ALA D 52 0.94 0.27 -13.23
N SER D 53 0.60 1.56 -13.21
CA SER D 53 -0.06 2.18 -14.36
C SER D 53 0.81 2.11 -15.60
N PHE D 54 2.07 2.47 -15.44
CA PHE D 54 3.08 2.36 -16.49
C PHE D 54 3.22 0.92 -17.03
N GLU D 55 3.28 -0.07 -16.16
CA GLU D 55 3.65 -1.42 -16.57
C GLU D 55 2.48 -2.34 -16.95
N ALA D 56 1.24 -1.86 -16.80
CA ALA D 56 0.07 -2.72 -16.98
C ALA D 56 -0.86 -2.32 -18.13
N GLN D 57 -0.48 -1.31 -18.90
CA GLN D 57 -1.39 -0.76 -19.90
C GLN D 57 -1.68 -1.74 -21.05
N GLY D 58 -0.76 -2.66 -21.31
CA GLY D 58 -0.96 -3.68 -22.32
C GLY D 58 -1.14 -5.10 -21.82
N ALA D 59 -1.58 -5.25 -20.57
CA ALA D 59 -1.60 -6.55 -19.91
C ALA D 59 -2.68 -7.46 -20.48
N LEU D 60 -3.78 -6.86 -20.91
CA LEU D 60 -4.85 -7.66 -21.49
C LEU D 60 -4.40 -8.36 -22.77
N ALA D 61 -3.54 -7.74 -23.56
CA ALA D 61 -3.04 -8.38 -24.77
C ALA D 61 -2.13 -9.57 -24.44
N ASN D 62 -1.27 -9.38 -23.44
CA ASN D 62 -0.40 -10.44 -22.95
C ASN D 62 -1.16 -11.69 -22.55
N ILE D 63 -2.28 -11.50 -21.87
CA ILE D 63 -3.12 -12.61 -21.45
C ILE D 63 -3.78 -13.28 -22.67
N ALA D 64 -4.21 -12.48 -23.64
CA ALA D 64 -4.80 -12.99 -24.89
C ALA D 64 -3.78 -13.81 -25.68
N CYS D 65 -2.53 -13.40 -25.60
CA CYS D 65 -1.45 -14.17 -26.18
C CYS D 65 -1.31 -15.52 -25.46
N ASP D 66 -1.26 -15.48 -24.14
CA ASP D 66 -1.18 -16.70 -23.35
C ASP D 66 -2.33 -17.66 -23.60
N LYS D 67 -3.54 -17.13 -23.70
CA LYS D 67 -4.70 -17.93 -24.06
C LYS D 67 -4.45 -18.70 -25.36
N ALA D 68 -3.99 -18.00 -26.39
CA ALA D 68 -3.75 -18.61 -27.68
C ALA D 68 -2.65 -19.68 -27.58
N ASN D 69 -1.63 -19.43 -26.77
CA ASN D 69 -0.59 -20.44 -26.59
C ASN D 69 -1.09 -21.66 -25.82
N LEU D 70 -1.96 -21.44 -24.83
CA LEU D 70 -2.57 -22.54 -24.12
C LEU D 70 -3.29 -23.50 -25.10
N GLU D 71 -4.09 -22.95 -26.01
CA GLU D 71 -4.83 -23.78 -26.93
C GLU D 71 -3.91 -24.61 -27.85
N ILE D 72 -2.80 -24.01 -28.28
CA ILE D 72 -1.81 -24.78 -29.01
C ILE D 72 -1.19 -25.90 -28.14
N MET D 73 -0.82 -25.58 -26.90
CA MET D 73 -0.23 -26.60 -26.01
C MET D 73 -1.20 -27.73 -25.60
N THR D 74 -2.44 -27.35 -25.29
CA THR D 74 -3.47 -28.33 -24.95
C THR D 74 -3.56 -29.34 -26.09
N LYS D 75 -3.72 -28.81 -27.29
CA LYS D 75 -3.82 -29.61 -28.50
C LYS D 75 -2.60 -30.52 -28.67
N ARG D 76 -1.42 -29.94 -28.48
CA ARG D 76 -0.20 -30.66 -28.75
C ARG D 76 0.03 -31.77 -27.74
N SER D 77 -0.55 -31.62 -26.55
CA SER D 77 -0.36 -32.58 -25.48
C SER D 77 -1.39 -33.70 -25.51
N ASN D 78 -2.24 -33.70 -26.55
CA ASN D 78 -3.38 -34.62 -26.63
C ASN D 78 -4.41 -34.41 -25.55
N TYR D 79 -4.66 -33.16 -25.17
CA TYR D 79 -5.66 -32.83 -24.16
C TYR D 79 -5.37 -33.45 -22.82
N THR D 80 -4.11 -33.47 -22.45
CA THR D 80 -3.70 -33.83 -21.09
C THR D 80 -4.09 -32.72 -20.08
N PRO D 81 -4.87 -33.10 -19.07
CA PRO D 81 -5.44 -32.14 -18.11
C PRO D 81 -4.56 -31.97 -16.87
N ILE D 82 -4.57 -30.78 -16.28
CA ILE D 82 -3.79 -30.55 -15.07
C ILE D 82 -4.28 -31.49 -13.98
N THR D 83 -3.34 -31.95 -13.14
CA THR D 83 -3.67 -32.75 -11.97
C THR D 83 -3.93 -31.84 -10.77
N ASN D 84 -5.13 -31.90 -10.23
CA ASN D 84 -5.46 -31.13 -9.04
C ASN D 84 -4.49 -31.41 -7.89
N VAL D 85 -3.98 -30.33 -7.28
CA VAL D 85 -3.17 -30.44 -6.08
C VAL D 85 -3.84 -29.60 -4.99
N PRO D 86 -4.36 -30.25 -3.95
CA PRO D 86 -5.11 -29.59 -2.88
C PRO D 86 -4.17 -28.65 -2.07
N PRO D 87 -4.68 -27.49 -1.63
CA PRO D 87 -3.88 -26.49 -0.89
C PRO D 87 -3.60 -26.88 0.56
N GLU D 88 -2.45 -26.46 1.06
CA GLU D 88 -2.21 -26.37 2.49
C GLU D 88 -2.76 -25.02 2.99
N VAL D 89 -3.52 -25.04 4.09
CA VAL D 89 -4.14 -23.83 4.64
C VAL D 89 -3.73 -23.58 6.08
N THR D 90 -3.30 -22.37 6.39
CA THR D 90 -2.95 -21.99 7.76
C THR D 90 -3.61 -20.67 8.13
N VAL D 91 -3.99 -20.54 9.40
CA VAL D 91 -4.61 -19.31 9.88
C VAL D 91 -3.77 -18.77 11.00
N LEU D 92 -3.27 -17.56 10.86
CA LEU D 92 -2.63 -16.91 11.99
C LEU D 92 -2.90 -15.40 12.05
N THR D 93 -2.43 -14.78 13.11
CA THR D 93 -2.68 -13.37 13.29
C THR D 93 -1.48 -12.55 12.86
N ASN D 94 -1.74 -11.31 12.52
CA ASN D 94 -0.75 -10.28 12.20
C ASN D 94 0.23 -10.06 13.32
N SER D 95 -0.29 -9.98 14.53
CA SER D 95 0.53 -9.78 15.71
C SER D 95 -0.02 -10.67 16.85
N PRO D 96 0.76 -10.82 17.93
CA PRO D 96 0.27 -11.52 19.12
C PRO D 96 -1.04 -10.93 19.60
N VAL D 97 -1.98 -11.80 19.93
CA VAL D 97 -3.34 -11.39 20.25
C VAL D 97 -3.55 -10.95 21.71
N GLU D 98 -4.12 -9.77 21.92
CA GLU D 98 -4.63 -9.36 23.23
C GLU D 98 -6.12 -8.98 23.16
N LEU D 99 -6.88 -9.27 24.22
CA LEU D 99 -8.31 -8.92 24.25
C LEU D 99 -8.56 -7.44 24.00
N ARG D 100 -9.49 -7.13 23.10
CA ARG D 100 -9.83 -5.76 22.78
C ARG D 100 -8.69 -5.00 22.13
N GLU D 101 -7.72 -5.72 21.62
CA GLU D 101 -6.62 -5.12 20.87
C GLU D 101 -6.80 -5.47 19.42
N PRO D 102 -7.22 -4.50 18.59
CA PRO D 102 -7.50 -4.76 17.17
C PRO D 102 -6.35 -5.50 16.51
N ASN D 103 -6.68 -6.54 15.77
CA ASN D 103 -5.67 -7.39 15.14
C ASN D 103 -6.13 -7.76 13.73
N VAL D 104 -5.41 -8.67 13.08
CA VAL D 104 -5.77 -9.08 11.73
C VAL D 104 -5.55 -10.56 11.57
N LEU D 105 -6.62 -11.28 11.23
CA LEU D 105 -6.54 -12.68 10.82
C LEU D 105 -6.00 -12.79 9.38
N ILE D 106 -4.97 -13.61 9.20
CA ILE D 106 -4.49 -13.94 7.87
C ILE D 106 -4.77 -15.41 7.57
N CYS D 107 -5.41 -15.70 6.45
CA CYS D 107 -5.55 -17.07 6.01
C CYS D 107 -4.59 -17.31 4.86
N PHE D 108 -3.68 -18.26 5.02
CA PHE D 108 -2.72 -18.57 3.95
C PHE D 108 -3.16 -19.82 3.24
N ILE D 109 -3.38 -19.71 1.94
CA ILE D 109 -3.75 -20.84 1.10
C ILE D 109 -2.58 -21.14 0.18
N ASP D 110 -1.91 -22.27 0.38
CA ASP D 110 -0.63 -22.48 -0.29
C ASP D 110 -0.52 -23.81 -1.06
N LYS D 111 0.44 -23.85 -1.99
CA LYS D 111 0.82 -25.05 -2.72
C LYS D 111 -0.33 -25.75 -3.42
N PHE D 112 -1.09 -25.02 -4.23
CA PHE D 112 -2.20 -25.66 -4.92
C PHE D 112 -2.26 -25.32 -6.41
N THR D 113 -2.90 -26.20 -7.19
CA THR D 113 -3.24 -25.90 -8.57
C THR D 113 -4.47 -26.75 -8.98
N PRO D 114 -5.24 -26.32 -10.00
CA PRO D 114 -5.19 -25.09 -10.81
C PRO D 114 -5.51 -23.89 -9.92
N PRO D 115 -5.27 -22.66 -10.41
CA PRO D 115 -5.53 -21.50 -9.57
C PRO D 115 -7.02 -21.16 -9.52
N VAL D 116 -7.79 -21.99 -8.81
CA VAL D 116 -9.22 -21.73 -8.59
C VAL D 116 -9.60 -22.15 -7.16
N VAL D 117 -10.05 -21.21 -6.32
CA VAL D 117 -10.44 -21.53 -4.95
C VAL D 117 -11.60 -20.68 -4.52
N ASN D 118 -12.40 -21.21 -3.61
CA ASN D 118 -13.37 -20.39 -2.89
C ASN D 118 -12.92 -20.26 -1.43
N VAL D 119 -12.66 -19.04 -1.00
CA VAL D 119 -12.28 -18.80 0.38
C VAL D 119 -13.30 -17.92 1.11
N THR D 120 -13.87 -18.41 2.19
CA THR D 120 -14.71 -17.54 3.01
C THR D 120 -14.35 -17.53 4.49
N TRP D 121 -14.38 -16.34 5.07
CA TRP D 121 -14.17 -16.14 6.50
C TRP D 121 -15.47 -16.41 7.26
N LEU D 122 -15.42 -17.25 8.28
CA LEU D 122 -16.61 -17.49 9.09
C LEU D 122 -16.41 -16.97 10.52
N ARG D 123 -17.32 -16.09 10.94
CA ARG D 123 -17.37 -15.68 12.33
C ARG D 123 -18.58 -16.33 13.01
N ASN D 124 -18.29 -17.15 14.02
CA ASN D 124 -19.32 -17.93 14.69
C ASN D 124 -20.24 -18.66 13.72
N GLY D 125 -19.63 -19.15 12.65
CA GLY D 125 -20.29 -19.96 11.64
C GLY D 125 -21.00 -19.20 10.56
N LYS D 126 -20.97 -17.86 10.63
CA LYS D 126 -21.56 -17.02 9.59
C LYS D 126 -20.48 -16.38 8.73
N PRO D 127 -20.76 -16.21 7.42
CA PRO D 127 -19.81 -15.57 6.53
C PRO D 127 -19.68 -14.08 6.83
N VAL D 128 -18.44 -13.61 6.83
CA VAL D 128 -18.13 -12.20 7.03
C VAL D 128 -17.99 -11.49 5.68
N THR D 129 -18.70 -10.39 5.49
CA THR D 129 -18.64 -9.69 4.21
C THR D 129 -17.95 -8.33 4.36
N THR D 130 -18.02 -7.79 5.56
CA THR D 130 -17.47 -6.48 5.84
C THR D 130 -16.01 -6.55 6.28
N GLY D 131 -15.16 -5.86 5.54
CA GLY D 131 -13.76 -5.69 5.91
C GLY D 131 -12.77 -6.70 5.36
N VAL D 132 -13.25 -7.69 4.62
CA VAL D 132 -12.36 -8.74 4.10
C VAL D 132 -11.59 -8.30 2.86
N SER D 133 -10.30 -8.65 2.83
CA SER D 133 -9.41 -8.37 1.72
C SER D 133 -8.88 -9.68 1.22
N GLU D 134 -8.43 -9.70 -0.02
CA GLU D 134 -7.85 -10.93 -0.49
C GLU D 134 -6.88 -10.64 -1.62
N THR D 135 -5.87 -11.47 -1.70
CA THR D 135 -4.84 -11.39 -2.70
C THR D 135 -5.35 -12.18 -3.93
N VAL D 136 -4.77 -11.95 -5.11
CA VAL D 136 -5.05 -12.83 -6.27
C VAL D 136 -4.14 -14.07 -6.19
N PHE D 137 -4.03 -14.82 -7.28
CA PHE D 137 -3.19 -16.02 -7.23
C PHE D 137 -1.70 -15.70 -7.42
N LEU D 138 -0.86 -16.01 -6.45
CA LEU D 138 0.56 -15.66 -6.53
C LEU D 138 1.40 -16.88 -6.90
N PRO D 139 2.46 -16.67 -7.69
CA PRO D 139 3.29 -17.76 -8.26
C PRO D 139 4.30 -18.40 -7.29
N ARG D 140 4.70 -19.64 -7.56
CA ARG D 140 5.69 -20.33 -6.73
C ARG D 140 6.72 -21.01 -7.63
N GLU D 141 7.90 -21.26 -7.08
CA GLU D 141 9.00 -21.83 -7.85
C GLU D 141 8.60 -23.15 -8.51
N ASP D 142 7.84 -23.96 -7.77
CA ASP D 142 7.37 -25.26 -8.25
C ASP D 142 6.11 -25.14 -9.13
N HIS D 143 5.71 -23.90 -9.43
CA HIS D 143 4.63 -23.62 -10.39
C HIS D 143 3.22 -23.89 -9.88
N LEU D 144 3.08 -24.08 -8.56
CA LEU D 144 1.77 -24.06 -7.92
C LEU D 144 1.49 -22.61 -7.53
N PHE D 145 0.42 -22.40 -6.79
CA PHE D 145 0.05 -21.03 -6.43
C PHE D 145 -0.11 -20.82 -4.91
N ARG D 146 -0.11 -19.55 -4.49
CA ARG D 146 -0.51 -19.21 -3.11
C ARG D 146 -1.43 -17.98 -3.08
N LYS D 147 -2.10 -17.79 -1.95
CA LYS D 147 -3.11 -16.76 -1.84
C LYS D 147 -3.23 -16.35 -0.37
N PHE D 148 -3.58 -15.08 -0.12
CA PHE D 148 -3.80 -14.59 1.23
C PHE D 148 -5.18 -13.95 1.34
N HIS D 149 -5.84 -14.13 2.48
CA HIS D 149 -7.10 -13.48 2.79
C HIS D 149 -6.98 -12.86 4.18
N TYR D 150 -7.53 -11.67 4.35
CA TYR D 150 -7.34 -10.93 5.60
C TYR D 150 -8.66 -10.50 6.18
N LEU D 151 -8.68 -10.35 7.51
CA LEU D 151 -9.85 -9.86 8.23
C LEU D 151 -9.39 -9.16 9.49
N PRO D 152 -9.40 -7.81 9.48
CA PRO D 152 -9.18 -6.96 10.66
C PRO D 152 -10.24 -7.29 11.69
N PHE D 153 -9.87 -7.51 12.93
CA PHE D 153 -10.85 -7.93 13.92
C PHE D 153 -10.44 -7.56 15.35
N LEU D 154 -11.43 -7.58 16.25
CA LEU D 154 -11.18 -7.22 17.62
C LEU D 154 -11.36 -8.43 18.51
N PRO D 155 -10.26 -9.06 18.94
CA PRO D 155 -10.21 -10.30 19.71
C PRO D 155 -11.20 -10.29 20.85
N SER D 156 -11.81 -11.43 21.16
CA SER D 156 -12.65 -11.55 22.35
C SER D 156 -12.80 -13.02 22.70
N THR D 157 -13.35 -13.29 23.88
CA THR D 157 -13.44 -14.66 24.37
C THR D 157 -14.63 -15.39 23.74
N GLU D 158 -15.67 -14.64 23.39
CA GLU D 158 -16.85 -15.23 22.76
C GLU D 158 -16.70 -15.58 21.25
N ASP D 159 -16.05 -14.71 20.47
CA ASP D 159 -15.98 -14.89 19.03
C ASP D 159 -15.03 -16.00 18.58
N VAL D 160 -15.44 -16.70 17.54
CA VAL D 160 -14.69 -17.84 17.02
C VAL D 160 -14.64 -17.78 15.48
N TYR D 161 -13.46 -17.96 14.90
CA TYR D 161 -13.29 -17.78 13.45
C TYR D 161 -12.91 -19.05 12.66
N ASP D 162 -13.29 -19.07 11.39
CA ASP D 162 -12.91 -20.16 10.50
C ASP D 162 -12.55 -19.61 9.12
N CYS D 163 -11.55 -20.20 8.50
CA CYS D 163 -11.29 -19.96 7.10
C CYS D 163 -11.80 -21.19 6.35
N ARG D 164 -12.85 -21.05 5.56
CA ARG D 164 -13.33 -22.16 4.75
C ARG D 164 -12.77 -22.09 3.31
N VAL D 165 -12.11 -23.17 2.89
CA VAL D 165 -11.49 -23.22 1.58
C VAL D 165 -12.06 -24.36 0.73
N GLU D 166 -12.45 -24.05 -0.51
CA GLU D 166 -12.87 -25.08 -1.46
C GLU D 166 -11.92 -25.16 -2.65
N HIS D 167 -11.63 -26.38 -3.06
CA HIS D 167 -10.73 -26.65 -4.18
C HIS D 167 -10.97 -28.04 -4.74
N TRP D 168 -10.83 -28.22 -6.05
CA TRP D 168 -11.11 -29.53 -6.67
C TRP D 168 -10.21 -30.68 -6.21
N GLY D 169 -9.03 -30.38 -5.65
CA GLY D 169 -8.16 -31.40 -5.06
C GLY D 169 -8.56 -31.83 -3.66
N LEU D 170 -9.59 -31.19 -3.11
CA LEU D 170 -10.09 -31.49 -1.77
C LEU D 170 -11.33 -32.37 -1.85
N ASP D 171 -11.37 -33.42 -1.03
CA ASP D 171 -12.54 -34.30 -0.96
C ASP D 171 -13.73 -33.56 -0.38
N GLU D 172 -13.46 -32.60 0.48
CA GLU D 172 -14.50 -31.74 1.02
C GLU D 172 -13.83 -30.43 1.45
N PRO D 173 -14.64 -29.40 1.74
CA PRO D 173 -14.09 -28.11 2.20
C PRO D 173 -13.17 -28.22 3.42
N LEU D 174 -12.10 -27.44 3.41
CA LEU D 174 -11.21 -27.33 4.55
C LEU D 174 -11.65 -26.21 5.47
N LEU D 175 -11.71 -26.52 6.76
CA LEU D 175 -12.05 -25.56 7.79
C LEU D 175 -10.88 -25.34 8.75
N LYS D 176 -10.21 -24.20 8.62
CA LYS D 176 -9.16 -23.86 9.58
C LYS D 176 -9.65 -22.90 10.67
N HIS D 177 -9.53 -23.36 11.91
CA HIS D 177 -10.14 -22.70 13.04
C HIS D 177 -9.20 -21.77 13.73
N TRP D 178 -9.71 -20.63 14.19
CA TRP D 178 -8.97 -19.80 15.12
C TRP D 178 -9.88 -19.40 16.27
N GLU D 179 -9.35 -19.42 17.49
CA GLU D 179 -10.02 -18.81 18.63
C GLU D 179 -9.02 -18.25 19.64
N PHE D 180 -9.49 -17.37 20.51
CA PHE D 180 -8.64 -16.76 21.51
C PHE D 180 -8.36 -17.76 22.64
N ASP D 181 -7.11 -17.91 23.04
CA ASP D 181 -6.81 -18.79 24.17
C ASP D 181 -5.96 -18.15 25.26
N VAL E 1 -15.93 -37.39 -22.06
CA VAL E 1 -16.30 -36.67 -20.85
C VAL E 1 -16.64 -37.73 -19.81
N LEU E 2 -16.13 -37.54 -18.59
CA LEU E 2 -16.36 -38.54 -17.55
C LEU E 2 -17.16 -37.98 -16.34
N PHE E 3 -18.18 -38.73 -15.91
CA PHE E 3 -19.00 -38.31 -14.76
C PHE E 3 -18.90 -39.17 -13.51
N GLN E 4 -18.51 -38.54 -12.41
CA GLN E 4 -18.42 -39.15 -11.06
C GLN E 4 -18.46 -38.06 -9.96
N GLY E 5 -18.71 -38.46 -8.72
CA GLY E 5 -18.58 -37.60 -7.55
C GLY E 5 -19.04 -36.15 -7.55
N PRO E 6 -18.11 -35.22 -7.25
CA PRO E 6 -18.41 -33.81 -7.02
C PRO E 6 -18.72 -33.04 -8.30
N GLY E 7 -19.57 -32.02 -8.18
CA GLY E 7 -19.84 -31.16 -9.31
C GLY E 7 -18.60 -30.45 -9.84
N ASP E 8 -18.52 -30.36 -11.16
CA ASP E 8 -17.40 -29.82 -11.92
C ASP E 8 -16.10 -30.59 -11.78
N THR E 9 -16.07 -31.71 -12.48
CA THR E 9 -14.87 -32.48 -12.64
C THR E 9 -14.27 -32.28 -14.03
N ARG E 10 -14.80 -31.31 -14.78
CA ARG E 10 -14.29 -31.00 -16.11
C ARG E 10 -12.79 -30.77 -16.11
N PRO E 11 -12.08 -31.28 -17.12
CA PRO E 11 -10.63 -31.13 -17.18
C PRO E 11 -10.19 -29.66 -17.28
N ARG E 12 -9.11 -29.31 -16.60
CA ARG E 12 -8.51 -28.00 -16.77
C ARG E 12 -7.18 -28.09 -17.49
N PHE E 13 -6.88 -27.06 -18.26
CA PHE E 13 -5.59 -26.92 -18.93
C PHE E 13 -5.10 -25.52 -18.62
N LEU E 14 -3.82 -25.44 -18.30
CA LEU E 14 -3.24 -24.27 -17.73
C LEU E 14 -1.93 -23.93 -18.43
N TRP E 15 -1.74 -22.66 -18.76
CA TRP E 15 -0.50 -22.21 -19.35
C TRP E 15 0.01 -21.07 -18.52
N GLN E 16 1.29 -21.13 -18.16
CA GLN E 16 1.92 -20.05 -17.38
C GLN E 16 3.14 -19.58 -18.14
N LEU E 17 3.44 -18.30 -18.03
CA LEU E 17 4.64 -17.76 -18.63
C LEU E 17 5.29 -16.84 -17.59
N LYS E 18 6.58 -17.03 -17.39
CA LYS E 18 7.31 -16.34 -16.35
C LYS E 18 8.61 -15.73 -16.85
N PHE E 19 8.87 -14.48 -16.47
CA PHE E 19 10.15 -13.86 -16.72
C PHE E 19 10.77 -13.58 -15.37
N GLU E 20 11.90 -14.18 -15.06
CA GLU E 20 12.51 -14.00 -13.75
C GLU E 20 13.84 -13.30 -13.86
N CYS E 21 13.93 -12.09 -13.30
CA CYS E 21 15.20 -11.39 -13.23
C CYS E 21 15.86 -11.69 -11.89
N HIS E 22 17.00 -12.38 -11.95
CA HIS E 22 17.79 -12.70 -10.78
C HIS E 22 18.96 -11.74 -10.64
N PHE E 23 18.95 -10.94 -9.55
CA PHE E 23 20.01 -9.96 -9.30
C PHE E 23 21.00 -10.38 -8.21
N PHE E 24 22.28 -10.29 -8.54
CA PHE E 24 23.37 -10.59 -7.61
C PHE E 24 24.17 -9.31 -7.39
N ASN E 25 24.45 -8.97 -6.12
CA ASN E 25 25.25 -7.78 -5.77
C ASN E 25 24.81 -6.50 -6.51
N GLY E 26 23.71 -5.92 -6.07
CA GLY E 26 23.14 -4.76 -6.74
C GLY E 26 22.63 -5.16 -8.11
N THR E 27 23.33 -4.71 -9.15
CA THR E 27 23.06 -5.20 -10.49
C THR E 27 24.32 -5.64 -11.22
N GLU E 28 25.41 -5.90 -10.49
CA GLU E 28 26.65 -6.26 -11.18
C GLU E 28 26.51 -7.58 -11.94
N ARG E 29 25.82 -8.55 -11.33
CA ARG E 29 25.47 -9.76 -12.04
C ARG E 29 23.95 -9.95 -12.11
N VAL E 30 23.45 -10.19 -13.33
CA VAL E 30 22.01 -10.36 -13.57
C VAL E 30 21.74 -11.57 -14.47
N ARG E 31 20.76 -12.39 -14.10
CA ARG E 31 20.42 -13.55 -14.92
C ARG E 31 18.94 -13.60 -15.26
N LEU E 32 18.61 -13.57 -16.54
CA LEU E 32 17.21 -13.62 -16.94
C LEU E 32 16.81 -15.04 -17.19
N LEU E 33 15.63 -15.41 -16.73
CA LEU E 33 15.13 -16.75 -16.94
C LEU E 33 13.69 -16.70 -17.44
N GLU E 34 13.49 -16.99 -18.72
CA GLU E 34 12.14 -16.91 -19.29
C GLU E 34 11.55 -18.31 -19.42
N ARG E 35 10.47 -18.60 -18.70
CA ARG E 35 9.95 -19.96 -18.61
C ARG E 35 8.51 -20.17 -19.08
N SER E 36 8.28 -21.28 -19.75
CA SER E 36 6.93 -21.68 -20.15
C SER E 36 6.52 -22.98 -19.47
N ILE E 37 5.35 -22.95 -18.83
CA ILE E 37 4.87 -24.10 -18.09
C ILE E 37 3.49 -24.51 -18.57
N TYR E 38 3.33 -25.78 -18.92
CA TYR E 38 2.02 -26.31 -19.24
C TYR E 38 1.56 -27.17 -18.07
N ASN E 39 0.36 -26.91 -17.56
CA ASN E 39 -0.11 -27.50 -16.32
C ASN E 39 0.88 -27.34 -15.15
N GLN E 40 1.63 -28.39 -14.85
CA GLN E 40 2.68 -28.31 -13.84
C GLN E 40 4.07 -28.60 -14.36
N GLU E 41 4.22 -28.73 -15.68
CA GLU E 41 5.51 -29.10 -16.22
C GLU E 41 6.09 -27.98 -17.08
N GLU E 42 7.23 -27.47 -16.65
CA GLU E 42 7.92 -26.47 -17.43
C GLU E 42 8.46 -27.18 -18.66
N SER E 43 8.27 -26.58 -19.83
CA SER E 43 8.52 -27.26 -21.09
C SER E 43 9.64 -26.63 -21.90
N VAL E 44 9.79 -25.32 -21.79
CA VAL E 44 10.86 -24.61 -22.51
C VAL E 44 11.28 -23.30 -21.80
N ARG E 45 12.55 -22.94 -21.91
CA ARG E 45 13.06 -21.73 -21.27
C ARG E 45 14.14 -21.04 -22.09
N PHE E 46 14.37 -19.76 -21.76
CA PHE E 46 15.54 -19.04 -22.22
C PHE E 46 16.33 -18.61 -21.01
N ASP E 47 17.52 -19.15 -20.87
CA ASP E 47 18.36 -18.88 -19.73
C ASP E 47 19.48 -17.98 -20.23
N SER E 48 19.45 -16.72 -19.85
CA SER E 48 20.40 -15.74 -20.40
C SER E 48 21.85 -16.20 -20.27
N ASP E 49 22.12 -17.08 -19.32
CA ASP E 49 23.46 -17.63 -19.17
C ASP E 49 23.77 -18.69 -20.21
N VAL E 50 22.74 -19.23 -20.85
CA VAL E 50 22.92 -20.24 -21.88
C VAL E 50 22.91 -19.59 -23.25
N GLY E 51 22.09 -18.55 -23.40
CA GLY E 51 22.09 -17.78 -24.63
C GLY E 51 21.07 -18.18 -25.69
N GLU E 52 20.45 -19.33 -25.52
CA GLU E 52 19.37 -19.74 -26.44
C GLU E 52 18.27 -20.52 -25.71
N TYR E 53 17.14 -20.72 -26.38
CA TYR E 53 16.07 -21.57 -25.86
C TYR E 53 16.47 -23.02 -25.80
N ARG E 54 15.97 -23.72 -24.79
CA ARG E 54 16.24 -25.13 -24.61
C ARG E 54 14.96 -25.79 -24.11
N ALA E 55 14.58 -26.90 -24.73
CA ALA E 55 13.42 -27.66 -24.27
C ALA E 55 13.80 -28.25 -22.94
N VAL E 56 12.90 -28.17 -21.96
CA VAL E 56 13.04 -28.91 -20.71
C VAL E 56 12.44 -30.30 -20.92
N THR E 57 11.20 -30.35 -21.40
CA THR E 57 10.56 -31.61 -21.71
C THR E 57 10.29 -31.78 -23.22
N GLU E 58 9.87 -32.98 -23.59
CA GLU E 58 9.57 -33.31 -24.96
C GLU E 58 8.68 -32.27 -25.63
N LEU E 59 7.55 -31.97 -24.99
CA LEU E 59 6.56 -31.05 -25.55
C LEU E 59 7.12 -29.68 -25.92
N GLY E 60 8.27 -29.34 -25.37
CA GLY E 60 8.92 -28.06 -25.65
C GLY E 60 9.87 -28.10 -26.83
N ARG E 61 10.26 -29.28 -27.27
CA ARG E 61 11.21 -29.40 -28.39
C ARG E 61 10.85 -28.58 -29.67
N PRO E 62 9.59 -28.65 -30.17
CA PRO E 62 9.21 -27.83 -31.33
C PRO E 62 9.46 -26.32 -31.15
N ASP E 63 9.25 -25.82 -29.94
CA ASP E 63 9.38 -24.38 -29.64
C ASP E 63 10.83 -23.92 -29.55
N ALA E 64 11.65 -24.70 -28.88
CA ALA E 64 13.07 -24.36 -28.76
C ALA E 64 13.65 -24.22 -30.16
N GLU E 65 13.42 -25.23 -30.99
CA GLU E 65 13.91 -25.25 -32.36
C GLU E 65 13.37 -24.07 -33.19
N TYR E 66 12.06 -23.89 -33.17
CA TYR E 66 11.42 -22.79 -33.88
C TYR E 66 11.88 -21.40 -33.43
N TRP E 67 11.99 -21.18 -32.12
CA TRP E 67 12.34 -19.86 -31.62
C TRP E 67 13.82 -19.55 -31.83
N ASN E 68 14.66 -20.59 -31.75
CA ASN E 68 16.09 -20.42 -31.99
C ASN E 68 16.41 -20.06 -33.46
N SER E 69 15.51 -20.42 -34.37
CA SER E 69 15.72 -20.14 -35.79
C SER E 69 15.45 -18.67 -36.09
N GLN E 70 14.74 -18.02 -35.19
CA GLN E 70 14.48 -16.60 -35.36
C GLN E 70 15.67 -15.84 -34.79
N LYS E 71 16.76 -15.76 -35.56
CA LYS E 71 18.01 -15.11 -35.14
C LYS E 71 17.77 -13.70 -34.60
N ASP E 72 16.67 -13.11 -35.05
CA ASP E 72 16.21 -11.81 -34.61
C ASP E 72 15.77 -11.77 -33.14
N LEU E 73 14.91 -12.72 -32.76
CA LEU E 73 14.39 -12.87 -31.40
C LEU E 73 15.50 -13.13 -30.37
N LEU E 74 16.44 -14.00 -30.73
CA LEU E 74 17.55 -14.34 -29.86
C LEU E 74 18.33 -13.09 -29.45
N GLU E 75 18.59 -12.22 -30.43
CA GLU E 75 19.28 -10.97 -30.24
C GLU E 75 18.60 -10.10 -29.19
N GLN E 76 17.28 -10.12 -29.18
CA GLN E 76 16.50 -9.26 -28.28
C GLN E 76 16.44 -9.82 -26.86
N ARG E 77 16.31 -11.14 -26.74
CA ARG E 77 16.38 -11.78 -25.43
C ARG E 77 17.80 -11.65 -24.84
N ARG E 78 18.81 -11.83 -25.68
CA ARG E 78 20.18 -11.75 -25.24
C ARG E 78 20.47 -10.36 -24.69
N ALA E 79 19.68 -9.38 -25.08
CA ALA E 79 19.91 -8.00 -24.63
C ALA E 79 18.91 -7.62 -23.55
N ALA E 80 18.03 -8.55 -23.20
CA ALA E 80 16.96 -8.27 -22.25
C ALA E 80 17.48 -8.10 -20.81
N VAL E 81 18.60 -8.73 -20.53
CA VAL E 81 19.26 -8.59 -19.25
C VAL E 81 19.53 -7.11 -18.92
N ASP E 82 19.62 -6.27 -19.96
CA ASP E 82 19.77 -4.83 -19.79
C ASP E 82 18.48 -4.04 -19.97
N THR E 83 17.84 -4.24 -21.13
CA THR E 83 16.66 -3.47 -21.53
C THR E 83 15.45 -3.74 -20.63
N TYR E 84 15.36 -4.98 -20.14
CA TYR E 84 14.25 -5.40 -19.29
C TYR E 84 14.69 -5.52 -17.82
N CYS E 85 15.62 -6.43 -17.55
CA CYS E 85 16.00 -6.72 -16.16
C CYS E 85 16.56 -5.51 -15.41
N ARG E 86 17.74 -5.06 -15.80
CA ARG E 86 18.39 -3.91 -15.18
C ARG E 86 17.54 -2.65 -15.21
N HIS E 87 16.86 -2.42 -16.32
CA HIS E 87 16.02 -1.25 -16.48
C HIS E 87 14.88 -1.22 -15.45
N ASN E 88 14.19 -2.35 -15.28
CA ASN E 88 13.08 -2.44 -14.35
C ASN E 88 13.54 -2.38 -12.89
N TYR E 89 14.72 -2.89 -12.61
CA TYR E 89 15.31 -2.78 -11.28
C TYR E 89 15.55 -1.32 -10.95
N GLY E 90 15.91 -0.54 -11.98
CA GLY E 90 16.08 0.89 -11.84
C GLY E 90 14.83 1.49 -11.22
N VAL E 91 13.74 1.42 -11.97
CA VAL E 91 12.43 1.82 -11.46
C VAL E 91 12.09 1.05 -10.18
N GLY E 92 11.44 1.72 -9.25
CA GLY E 92 11.17 1.08 -7.98
C GLY E 92 12.10 1.65 -6.95
N GLU E 93 12.76 0.79 -6.20
CA GLU E 93 13.58 1.19 -5.05
C GLU E 93 12.71 1.87 -3.98
N SER E 94 11.40 1.82 -4.23
CA SER E 94 10.37 1.87 -3.21
C SER E 94 10.05 0.40 -2.99
N PHE E 95 9.99 -0.35 -4.10
CA PHE E 95 9.90 -1.80 -3.98
C PHE E 95 11.22 -2.52 -3.84
N THR E 96 12.29 -1.98 -4.44
CA THR E 96 13.55 -2.71 -4.36
C THR E 96 14.15 -2.65 -2.95
N VAL E 97 15.47 -2.72 -2.89
CA VAL E 97 16.23 -2.96 -1.66
C VAL E 97 15.88 -2.00 -0.53
N GLN E 98 15.50 -0.78 -0.91
CA GLN E 98 15.47 0.33 0.03
C GLN E 98 14.49 0.19 1.20
N ARG E 99 13.37 -0.49 0.95
CA ARG E 99 12.32 -0.60 1.96
C ARG E 99 12.78 -1.16 3.35
N ARG E 100 12.33 -0.52 4.43
CA ARG E 100 12.72 -0.96 5.77
C ARG E 100 11.66 -0.70 6.84
N VAL E 101 11.11 -1.77 7.40
CA VAL E 101 10.14 -1.65 8.49
C VAL E 101 10.69 -2.37 9.73
N GLU E 102 10.59 -1.71 10.89
CA GLU E 102 11.14 -2.22 12.13
C GLU E 102 10.22 -3.24 12.78
N PRO E 103 10.79 -4.29 13.38
CA PRO E 103 9.99 -5.33 14.05
C PRO E 103 9.27 -4.85 15.32
N LYS E 104 8.13 -5.45 15.63
CA LYS E 104 7.54 -5.38 16.95
C LYS E 104 7.93 -6.67 17.66
N VAL E 105 8.71 -6.54 18.75
CA VAL E 105 9.21 -7.69 19.51
C VAL E 105 8.49 -7.84 20.86
N THR E 106 7.84 -8.98 21.11
CA THR E 106 7.29 -9.20 22.45
C THR E 106 7.63 -10.61 22.93
N VAL E 107 7.58 -10.80 24.25
CA VAL E 107 7.93 -12.06 24.87
C VAL E 107 6.85 -12.50 25.83
N TYR E 108 6.42 -13.75 25.73
CA TYR E 108 5.30 -14.23 26.53
C TYR E 108 5.39 -15.76 26.69
N PRO E 109 4.93 -16.28 27.85
CA PRO E 109 4.99 -17.72 28.15
C PRO E 109 3.98 -18.54 27.36
N SER E 110 4.21 -19.84 27.28
CA SER E 110 3.30 -20.75 26.60
C SER E 110 3.66 -22.19 27.03
N LEU E 120 7.75 -23.19 28.23
CA LEU E 120 7.96 -22.67 26.88
C LEU E 120 7.83 -21.13 26.78
N LEU E 121 8.90 -20.45 26.38
CA LEU E 121 8.85 -19.00 26.17
C LEU E 121 8.81 -18.68 24.67
N VAL E 122 7.93 -17.76 24.31
CA VAL E 122 7.80 -17.39 22.91
C VAL E 122 8.36 -16.00 22.71
N CYS E 123 9.19 -15.83 21.69
CA CYS E 123 9.61 -14.49 21.31
C CYS E 123 8.98 -14.14 19.97
N SER E 124 7.98 -13.26 20.02
CA SER E 124 7.27 -12.92 18.80
C SER E 124 7.92 -11.71 18.13
N VAL E 125 8.35 -11.91 16.89
CA VAL E 125 8.91 -10.83 16.10
C VAL E 125 8.00 -10.64 14.90
N SER E 126 7.26 -9.55 14.90
CA SER E 126 6.25 -9.35 13.87
C SER E 126 6.34 -8.02 13.13
N GLY E 127 5.88 -8.00 11.89
CA GLY E 127 5.72 -6.80 11.10
C GLY E 127 6.93 -6.17 10.43
N PHE E 128 7.97 -6.95 10.15
CA PHE E 128 9.24 -6.36 9.72
C PHE E 128 9.52 -6.50 8.22
N TYR E 129 10.47 -5.70 7.71
CA TYR E 129 10.89 -5.81 6.32
C TYR E 129 12.28 -5.21 6.15
N PRO E 130 13.17 -5.89 5.41
CA PRO E 130 12.94 -7.14 4.68
C PRO E 130 13.16 -8.35 5.58
N GLY E 131 13.26 -9.53 4.98
CA GLY E 131 13.12 -10.76 5.72
C GLY E 131 14.38 -11.29 6.35
N SER E 132 15.48 -10.57 6.25
CA SER E 132 16.72 -10.98 6.89
C SER E 132 16.72 -10.56 8.36
N ILE E 133 16.73 -11.52 9.27
CA ILE E 133 16.62 -11.19 10.70
C ILE E 133 17.40 -12.18 11.58
N GLU E 134 17.76 -11.78 12.78
CA GLU E 134 18.34 -12.75 13.71
C GLU E 134 17.82 -12.62 15.13
N VAL E 135 17.34 -13.75 15.66
CA VAL E 135 16.65 -13.78 16.92
C VAL E 135 17.35 -14.72 17.87
N ARG E 136 17.77 -14.19 19.02
CA ARG E 136 18.50 -14.99 19.98
C ARG E 136 17.92 -14.96 21.38
N TRP E 137 18.15 -16.05 22.11
CA TRP E 137 17.69 -16.19 23.48
C TRP E 137 18.83 -16.14 24.51
N PHE E 138 18.56 -15.48 25.63
CA PHE E 138 19.54 -15.40 26.71
C PHE E 138 18.92 -15.76 28.07
N ARG E 139 19.66 -16.53 28.87
CA ARG E 139 19.28 -16.70 30.27
C ARG E 139 20.34 -16.04 31.15
N ASN E 140 19.92 -15.00 31.88
CA ASN E 140 20.81 -14.25 32.76
C ASN E 140 22.11 -13.83 32.07
N GLY E 141 21.99 -13.22 30.90
CA GLY E 141 23.16 -12.82 30.14
C GLY E 141 23.80 -13.91 29.30
N GLN E 142 23.48 -15.18 29.59
CA GLN E 142 24.08 -16.30 28.86
C GLN E 142 23.19 -16.84 27.75
N GLU E 143 23.71 -16.86 26.53
CA GLU E 143 22.95 -17.35 25.40
C GLU E 143 22.57 -18.82 25.55
N GLU E 144 21.30 -19.12 25.28
CA GLU E 144 20.81 -20.49 25.27
C GLU E 144 20.48 -20.90 23.85
N LYS E 145 21.18 -21.93 23.36
CA LYS E 145 21.01 -22.40 22.00
C LYS E 145 20.26 -23.72 21.97
N ALA E 146 20.34 -24.45 23.06
CA ALA E 146 19.60 -25.69 23.16
C ALA E 146 18.12 -25.40 23.35
N GLY E 147 17.26 -26.26 22.80
CA GLY E 147 15.83 -26.09 22.99
C GLY E 147 15.25 -24.86 22.31
N VAL E 148 15.82 -24.42 21.18
CA VAL E 148 15.30 -23.27 20.46
C VAL E 148 14.76 -23.62 19.08
N VAL E 149 13.45 -23.65 18.93
CA VAL E 149 12.91 -23.90 17.61
C VAL E 149 12.12 -22.71 17.15
N SER E 150 11.88 -22.63 15.85
CA SER E 150 11.14 -21.53 15.30
C SER E 150 10.19 -22.01 14.24
N THR E 151 9.00 -21.40 14.22
CA THR E 151 8.00 -21.61 13.17
C THR E 151 8.52 -21.35 11.76
N GLY E 152 9.68 -20.71 11.65
CA GLY E 152 10.14 -20.21 10.39
C GLY E 152 9.82 -18.74 10.16
N LEU E 153 10.42 -18.19 9.13
CA LEU E 153 10.11 -16.86 8.67
C LEU E 153 8.83 -16.91 7.83
N ILE E 154 7.82 -16.14 8.22
CA ILE E 154 6.53 -16.17 7.57
C ILE E 154 6.23 -14.86 6.82
N GLN E 155 6.01 -14.93 5.51
CA GLN E 155 5.56 -13.79 4.73
C GLN E 155 4.07 -13.55 4.90
N ASN E 156 3.68 -12.32 5.24
CA ASN E 156 2.25 -12.04 5.44
C ASN E 156 1.49 -11.78 4.13
N GLY E 157 2.21 -11.50 3.04
CA GLY E 157 1.61 -11.23 1.75
C GLY E 157 1.39 -9.73 1.53
N ASP E 158 1.73 -8.94 2.55
CA ASP E 158 1.49 -7.52 2.52
C ASP E 158 2.78 -6.72 2.66
N TRP E 159 3.88 -7.37 2.29
CA TRP E 159 5.21 -6.79 2.42
C TRP E 159 5.73 -6.66 3.86
N THR E 160 5.28 -7.53 4.76
CA THR E 160 5.89 -7.71 6.06
C THR E 160 6.04 -9.19 6.40
N PHE E 161 6.99 -9.51 7.27
CA PHE E 161 7.22 -10.86 7.75
C PHE E 161 6.91 -10.98 9.25
N GLN E 162 6.77 -12.22 9.72
CA GLN E 162 6.71 -12.45 11.16
C GLN E 162 7.44 -13.74 11.44
N THR E 163 7.78 -13.96 12.71
CA THR E 163 8.29 -15.25 13.12
C THR E 163 8.13 -15.42 14.61
N LEU E 164 8.00 -16.66 15.05
CA LEU E 164 7.95 -16.98 16.47
C LEU E 164 9.19 -17.79 16.77
N VAL E 165 9.94 -17.41 17.80
CA VAL E 165 11.10 -18.22 18.18
C VAL E 165 10.91 -18.70 19.60
N MET E 166 10.81 -20.00 19.79
CA MET E 166 10.50 -20.55 21.10
C MET E 166 11.74 -20.99 21.84
N LEU E 167 11.73 -20.81 23.16
CA LEU E 167 12.74 -21.43 24.02
C LEU E 167 12.05 -22.37 25.02
N GLU E 168 12.45 -23.63 25.05
CA GLU E 168 11.91 -24.52 26.08
C GLU E 168 12.71 -24.45 27.37
N THR E 169 12.03 -24.10 28.44
CA THR E 169 12.57 -24.09 29.79
C THR E 169 11.41 -24.25 30.74
N VAL E 170 11.68 -24.80 31.92
CA VAL E 170 10.74 -24.66 33.02
C VAL E 170 11.38 -23.61 33.91
N PRO E 171 10.95 -22.34 33.72
CA PRO E 171 11.54 -21.17 34.38
C PRO E 171 11.71 -21.35 35.88
N ARG E 172 12.72 -20.69 36.43
CA ARG E 172 12.97 -20.70 37.86
C ARG E 172 12.93 -19.26 38.36
N SER E 173 12.42 -19.07 39.57
CA SER E 173 12.24 -17.71 40.10
C SER E 173 13.58 -17.00 40.24
N GLY E 174 13.59 -15.73 39.87
CA GLY E 174 14.80 -14.92 39.87
C GLY E 174 15.44 -14.78 38.50
N GLU E 175 15.10 -15.69 37.59
CA GLU E 175 15.73 -15.73 36.28
C GLU E 175 15.27 -14.62 35.33
N VAL E 176 16.22 -14.01 34.66
CA VAL E 176 15.88 -13.05 33.62
C VAL E 176 16.14 -13.61 32.22
N TYR E 177 15.08 -13.77 31.42
CA TYR E 177 15.22 -14.22 30.02
C TYR E 177 15.16 -13.05 29.03
N THR E 178 16.06 -13.06 28.04
CA THR E 178 16.13 -11.96 27.08
C THR E 178 16.09 -12.43 25.63
N CYS E 179 15.18 -11.87 24.86
CA CYS E 179 15.12 -12.09 23.43
C CYS E 179 15.87 -10.95 22.75
N GLN E 180 16.80 -11.28 21.85
CA GLN E 180 17.56 -10.23 21.18
C GLN E 180 17.39 -10.28 19.66
N VAL E 181 17.06 -9.13 19.06
CA VAL E 181 16.73 -9.09 17.63
C VAL E 181 17.60 -8.16 16.81
N GLU E 182 18.21 -8.72 15.78
CA GLU E 182 19.01 -7.93 14.86
C GLU E 182 18.41 -7.91 13.47
N HIS E 183 18.14 -6.70 13.01
CA HIS E 183 17.48 -6.52 11.75
C HIS E 183 18.05 -5.23 11.15
N PRO E 184 18.10 -5.14 9.81
CA PRO E 184 18.65 -3.94 9.14
C PRO E 184 17.94 -2.64 9.51
N SER E 185 16.67 -2.70 9.90
CA SER E 185 15.93 -1.49 10.20
C SER E 185 16.40 -0.76 11.46
N VAL E 186 17.22 -1.42 12.28
CA VAL E 186 17.77 -0.79 13.49
C VAL E 186 19.27 -0.93 13.58
N THR E 187 19.91 0.13 14.05
CA THR E 187 21.37 0.21 14.05
C THR E 187 21.96 -0.65 15.16
N SER E 188 21.24 -0.76 16.28
CA SER E 188 21.65 -1.59 17.40
C SER E 188 20.56 -2.61 17.74
N PRO E 189 20.93 -3.78 18.29
CA PRO E 189 19.96 -4.85 18.52
C PRO E 189 18.84 -4.42 19.47
N LEU E 190 17.67 -5.04 19.29
CA LEU E 190 16.54 -4.80 20.16
C LEU E 190 16.60 -5.89 21.21
N THR E 191 16.19 -5.59 22.43
CA THR E 191 16.14 -6.63 23.45
C THR E 191 14.87 -6.47 24.27
N VAL E 192 14.21 -7.56 24.58
CA VAL E 192 13.00 -7.51 25.38
C VAL E 192 13.12 -8.58 26.46
N GLU E 193 12.75 -8.29 27.69
CA GLU E 193 12.92 -9.32 28.70
C GLU E 193 11.64 -9.83 29.29
N TRP E 194 11.75 -10.95 29.96
CA TRP E 194 10.63 -11.50 30.68
C TRP E 194 11.15 -12.15 31.96
N ARG E 195 10.38 -12.03 33.04
CA ARG E 195 10.65 -12.74 34.29
C ARG E 195 9.38 -13.30 34.91
N ALA E 196 9.52 -14.31 35.78
CA ALA E 196 8.45 -14.72 36.68
C ALA E 196 8.79 -14.42 38.14
#